data_9HLX
#
_entry.id   9HLX
#
_cell.length_a   1.00
_cell.length_b   1.00
_cell.length_c   1.00
_cell.angle_alpha   90.00
_cell.angle_beta   90.00
_cell.angle_gamma   90.00
#
_symmetry.space_group_name_H-M   'P 1'
#
loop_
_entity.id
_entity.type
_entity.pdbx_description
1 polymer Ba1Cas12a3
2 polymer crRNA
#
loop_
_entity_poly.entity_id
_entity_poly.type
_entity_poly.pdbx_seq_one_letter_code
_entity_poly.pdbx_strand_id
1 'polypeptide(L)'
;METYKVTKTIRFKLEAQNVPEIQKDIEGLQSEFNLANFVSDLKNYLDQVRNYLFSEGKEHVFVNNKITIKREWLQNHAKQ
EWVDFLEKNKRNNSLNNHTRRIQMSIGDFTGLASKIEGTFDEINSICKGLADAAGAQANKRTKRERTGLLLKRLQARKAL
PSLFSLIENSADKNETGNLSLQLKNKSILIEQQLAAGVQTFLPAQSGGLPVAKASFNYYTINKKPVDFGNEKSELESRLK
ISIDTIFKLTRENFSKKIEEAITADIQKELNNGKTLLLGDVPMLGIENYVSLRQILKNIKSNQKKAFSDLMQSGKNYNEL
KATNLYLLNTIEQRQFDNYKVKTNELEKLAVKINQATNDNQKKELISNKQRVAKQRGIIMRDNFATWKSFSNFYRTISQE
HGKILALLKGIEKERTESQLLKYWALILENNGQHKLILIPREKAASCKQWIASLNPSGDKLTKLFWFESLTYRSLQKLCF
GFTENGNNKFNKNIQNLLPKDNSRKIINGEFAFQGDEQKKIKFYQSVLESKYAQSVLNIPIQQVQADIINQSFASLDDFQ
IALEKICYRLFAVVEANIEAELLKNDKAQIFNITSSDLRKEAKDKIKSHTQIWKAFWTSENKQNNFETRLNPEITITYRQ
PKQSKIDKYGERSQKNNRYLHAQYTLITTISEHSNSPTKILSFMSDDEFKSSVDTFNKKFKKDEIKFAFGIDNGEVELST
LGVYFPAFDKTTYKEKVAELEKVNDYGFEVLTIRNLNYKETDYNGKERKIIQNPSYFLKKENYLRTFNKSETAYQKMFTE
QFEKKKLLTLDLTTAKVICGHIVTNGDVPALFNLWLKHAQRNIFEMNDHIQKETAKKIVLKNQLDTDNEKLKFAEYISKE
KEFGKLNDDEKMKYTKWIFEDRDQNNFTEVENKKFKRCQKIYGNYSTKAKAPVLFASCFIDEELQSVTDIFDVRHIFKKR
EDFYALKTEEEIKQLIDSYNTNRASHDISNEELDLKILNTKKALVANAVGVIDFLYKHYERRLGGEGLIIKEGFGTGKVE
DGIEKFSGNIYRILERKLYQKFQNYGLVPPIKSLMAVRANGIENNKNAILQLGNVGFIDPAGTSQECPVCIEGRLEHTTT
CPNKCGFNSERIMHSNDGIASFNIAKRGFNNFVKSKTDKQLEHHHHHH
;
A
2 'polyribonucleotide' GUCUAAACCGACCCAAUAAUUUCUACUGUUGUAGAUGAGGGAUCUCGCUCCUGGAAGAUGGUGAU B
#
# COMPACT_ATOMS: atom_id res chain seq x y z
N MET A 1 -7.28 -29.90 0.56
CA MET A 1 -7.25 -28.42 0.75
C MET A 1 -8.26 -27.74 -0.15
N GLU A 2 -9.01 -26.79 0.41
CA GLU A 2 -10.09 -26.11 -0.30
C GLU A 2 -9.73 -24.65 -0.52
N THR A 3 -10.19 -24.10 -1.64
CA THR A 3 -9.84 -22.74 -2.01
C THR A 3 -10.62 -21.73 -1.17
N TYR A 4 -10.08 -20.51 -1.10
CA TYR A 4 -10.79 -19.39 -0.51
C TYR A 4 -11.69 -18.73 -1.54
N LYS A 5 -12.32 -17.65 -1.18
CA LYS A 5 -12.87 -16.64 -1.98
C LYS A 5 -11.83 -15.61 -2.33
N VAL A 6 -11.56 -15.32 -3.55
CA VAL A 6 -10.57 -14.46 -4.08
C VAL A 6 -11.12 -13.51 -5.11
N THR A 7 -10.74 -12.28 -5.14
CA THR A 7 -11.13 -11.23 -5.99
C THR A 7 -9.98 -10.66 -6.79
N LYS A 8 -10.05 -10.56 -8.07
CA LYS A 8 -9.12 -10.07 -9.00
C LYS A 8 -9.64 -8.97 -9.87
N THR A 9 -8.97 -7.88 -10.04
CA THR A 9 -9.24 -6.84 -10.95
C THR A 9 -9.05 -7.31 -12.36
N ILE A 10 -9.82 -6.91 -13.31
CA ILE A 10 -9.85 -7.25 -14.69
C ILE A 10 -10.09 -6.07 -15.58
N ARG A 11 -9.46 -5.95 -16.70
CA ARG A 11 -9.51 -4.94 -17.68
C ARG A 11 -9.94 -5.44 -19.04
N PHE A 12 -10.36 -4.60 -19.93
CA PHE A 12 -10.74 -4.84 -21.26
C PHE A 12 -10.64 -3.62 -22.15
N LYS A 13 -10.50 -3.82 -23.46
CA LYS A 13 -10.51 -2.72 -24.42
C LYS A 13 -11.92 -2.52 -24.95
N LEU A 14 -12.34 -1.27 -25.02
CA LEU A 14 -13.57 -0.75 -25.48
C LEU A 14 -13.44 -0.03 -26.79
N GLU A 15 -14.29 -0.22 -27.74
CA GLU A 15 -14.45 0.45 -28.98
C GLU A 15 -15.79 1.09 -29.12
N ALA A 16 -15.91 2.30 -29.51
CA ALA A 16 -17.05 3.13 -29.55
C ALA A 16 -17.88 2.88 -30.79
N GLN A 17 -19.11 2.53 -30.71
CA GLN A 17 -20.10 2.44 -31.71
C GLN A 17 -20.93 3.68 -31.85
N ASN A 18 -21.40 4.18 -30.71
CA ASN A 18 -22.12 5.45 -30.67
C ASN A 18 -22.04 5.99 -29.26
N VAL A 19 -21.33 7.03 -29.00
CA VAL A 19 -21.03 7.63 -27.75
C VAL A 19 -21.26 9.12 -27.72
N PRO A 20 -22.35 9.63 -28.30
CA PRO A 20 -22.58 11.07 -28.29
C PRO A 20 -22.61 11.71 -26.95
N GLU A 21 -23.17 11.10 -25.95
CA GLU A 21 -23.39 11.57 -24.64
C GLU A 21 -22.16 11.59 -23.78
N ILE A 22 -21.62 10.45 -23.48
CA ILE A 22 -20.52 10.23 -22.62
C ILE A 22 -19.38 11.14 -22.94
N GLN A 23 -19.15 11.42 -24.18
CA GLN A 23 -18.14 12.27 -24.67
C GLN A 23 -18.19 13.64 -24.06
N LYS A 24 -19.34 14.13 -23.74
CA LYS A 24 -19.59 15.41 -23.19
C LYS A 24 -18.83 15.65 -21.93
N ASP A 25 -18.84 14.73 -21.02
CA ASP A 25 -18.10 14.74 -19.81
C ASP A 25 -16.63 14.93 -20.05
N ILE A 26 -16.08 14.17 -21.01
CA ILE A 26 -14.66 14.24 -21.36
C ILE A 26 -14.30 15.67 -21.77
N GLU A 27 -15.18 16.32 -22.54
CA GLU A 27 -15.10 17.67 -22.93
C GLU A 27 -15.09 18.59 -21.75
N GLY A 28 -15.94 18.39 -20.81
CA GLY A 28 -16.08 19.13 -19.66
C GLY A 28 -15.05 19.04 -18.61
N LEU A 29 -14.22 18.05 -18.66
CA LEU A 29 -13.12 17.77 -17.81
C LEU A 29 -11.88 18.56 -18.10
N GLN A 30 -11.82 19.33 -19.14
CA GLN A 30 -10.78 20.21 -19.48
C GLN A 30 -10.58 21.23 -18.39
N SER A 31 -9.39 21.61 -18.05
CA SER A 31 -9.00 22.47 -17.00
C SER A 31 -7.79 23.30 -17.33
N GLU A 32 -7.44 24.22 -16.43
CA GLU A 32 -6.27 25.08 -16.57
C GLU A 32 -5.35 24.89 -15.37
N PHE A 33 -4.06 25.11 -15.58
CA PHE A 33 -3.07 24.88 -14.55
C PHE A 33 -1.86 25.77 -14.79
N ASN A 34 -1.17 26.12 -13.71
CA ASN A 34 0.03 26.97 -13.78
C ASN A 34 1.04 26.42 -12.78
N LEU A 35 2.18 25.99 -13.20
CA LEU A 35 3.19 25.35 -12.46
C LEU A 35 3.73 26.23 -11.35
N ALA A 36 4.21 27.41 -11.75
CA ALA A 36 4.89 28.28 -10.80
C ALA A 36 3.96 28.70 -9.67
N ASN A 37 2.73 29.10 -10.01
CA ASN A 37 1.79 29.51 -8.98
C ASN A 37 1.51 28.37 -8.03
N PHE A 38 1.31 27.16 -8.55
CA PHE A 38 1.07 26.01 -7.71
C PHE A 38 2.23 25.78 -6.77
N VAL A 39 3.46 25.87 -7.28
CA VAL A 39 4.63 25.64 -6.43
C VAL A 39 4.67 26.67 -5.32
N SER A 40 4.43 27.94 -5.65
CA SER A 40 4.48 28.99 -4.63
C SER A 40 3.42 28.77 -3.56
N ASP A 41 2.19 28.45 -3.98
CA ASP A 41 1.13 28.25 -3.00
C ASP A 41 1.42 27.04 -2.11
N LEU A 42 1.92 25.97 -2.71
CA LEU A 42 2.25 24.79 -1.91
C LEU A 42 3.35 25.11 -0.92
N LYS A 43 4.37 25.84 -1.34
CA LYS A 43 5.44 26.20 -0.43
C LYS A 43 4.92 27.01 0.74
N ASN A 44 4.10 28.03 0.46
CA ASN A 44 3.56 28.85 1.54
C ASN A 44 2.69 28.02 2.47
N TYR A 45 1.82 27.18 1.91
CA TYR A 45 0.96 26.35 2.73
C TYR A 45 1.77 25.45 3.65
N LEU A 46 2.77 24.75 3.09
CA LEU A 46 3.59 23.88 3.92
C LEU A 46 4.33 24.68 4.98
N ASP A 47 4.73 25.91 4.65
CA ASP A 47 5.37 26.74 5.66
C ASP A 47 4.42 27.02 6.81
N GLN A 48 3.16 27.33 6.50
CA GLN A 48 2.22 27.66 7.57
C GLN A 48 1.94 26.47 8.47
N VAL A 49 1.81 25.27 7.91
CA VAL A 49 1.34 24.13 8.70
C VAL A 49 2.29 23.85 9.86
N ARG A 50 3.59 24.03 9.64
CA ARG A 50 4.56 23.72 10.69
C ARG A 50 4.21 24.48 11.97
N ASN A 51 3.77 25.73 11.85
CA ASN A 51 3.40 26.50 13.03
C ASN A 51 2.18 25.91 13.73
N TYR A 52 1.40 25.08 13.14
CA TYR A 52 0.23 24.47 13.64
C TYR A 52 0.49 23.24 14.45
N LEU A 53 1.31 22.35 13.97
CA LEU A 53 1.64 21.09 14.51
C LEU A 53 2.75 21.13 15.52
N PHE A 54 3.90 21.64 15.09
CA PHE A 54 5.10 21.62 15.91
C PHE A 54 5.05 22.70 16.96
N SER A 55 5.42 22.35 18.18
CA SER A 55 5.46 23.29 19.28
C SER A 55 6.84 23.94 19.36
N GLU A 56 6.92 25.00 20.16
CA GLU A 56 8.19 25.70 20.33
C GLU A 56 9.18 24.81 21.07
N GLY A 57 10.40 25.33 21.23
CA GLY A 57 11.45 24.60 21.90
C GLY A 57 12.49 24.08 20.93
N LYS A 58 13.63 24.77 20.84
CA LYS A 58 14.68 24.35 19.92
C LYS A 58 15.37 23.09 20.39
N GLU A 59 15.42 22.84 21.70
CA GLU A 59 16.01 21.60 22.19
C GLU A 59 15.32 20.37 21.62
N HIS A 60 14.01 20.45 21.39
CA HIS A 60 13.26 19.33 20.85
C HIS A 60 12.10 19.82 20.00
N VAL A 61 12.29 19.89 18.68
CA VAL A 61 11.21 20.27 17.78
C VAL A 61 10.36 19.03 17.55
N PHE A 62 9.10 19.08 17.95
CA PHE A 62 8.26 17.90 17.97
C PHE A 62 6.80 18.31 17.97
N VAL A 63 5.94 17.35 17.63
CA VAL A 63 4.51 17.63 17.51
C VAL A 63 3.89 17.76 18.89
N ASN A 64 3.10 18.77 19.12
CA ASN A 64 2.37 19.02 20.30
C ASN A 64 1.60 17.81 20.72
N ASN A 65 1.72 17.33 21.91
CA ASN A 65 1.05 16.20 22.45
C ASN A 65 -0.44 16.40 22.57
N LYS A 66 -0.87 17.51 23.05
CA LYS A 66 -2.18 17.85 23.45
C LYS A 66 -3.15 18.06 22.31
N ILE A 67 -2.76 17.99 21.09
CA ILE A 67 -3.57 18.07 19.94
C ILE A 67 -4.63 17.00 19.99
N THR A 68 -5.85 17.32 19.56
CA THR A 68 -6.99 16.39 19.54
C THR A 68 -7.30 15.93 18.13
N ILE A 69 -7.70 14.67 17.99
CA ILE A 69 -7.99 13.95 16.80
C ILE A 69 -9.31 13.22 16.88
N LYS A 70 -10.17 13.30 15.93
CA LYS A 70 -11.35 12.56 15.74
C LYS A 70 -11.06 11.14 15.34
N ARG A 71 -11.94 10.20 15.68
CA ARG A 71 -11.77 8.78 15.35
C ARG A 71 -11.60 8.54 13.86
N GLU A 72 -12.21 9.38 13.03
CA GLU A 72 -12.30 9.25 11.63
C GLU A 72 -10.94 9.08 11.00
N TRP A 73 -10.04 9.96 11.26
CA TRP A 73 -8.73 10.01 10.74
C TRP A 73 -7.96 8.76 11.04
N LEU A 74 -7.99 8.30 12.24
CA LEU A 74 -7.35 7.13 12.71
C LEU A 74 -7.76 5.92 11.91
N GLN A 75 -9.06 5.75 11.69
CA GLN A 75 -9.60 4.61 10.96
C GLN A 75 -9.12 4.55 9.50
N ASN A 76 -8.74 5.68 8.91
CA ASN A 76 -8.25 5.75 7.53
C ASN A 76 -6.73 5.66 7.37
N HIS A 77 -5.92 5.87 8.42
CA HIS A 77 -4.51 5.98 8.38
C HIS A 77 -3.70 5.32 9.45
N ALA A 78 -4.23 4.95 10.57
CA ALA A 78 -3.61 4.43 11.73
C ALA A 78 -4.29 3.20 12.28
N LYS A 79 -4.72 2.28 11.40
CA LYS A 79 -5.54 1.13 11.78
C LYS A 79 -4.96 0.39 12.99
N GLN A 80 -3.70 -0.02 12.88
CA GLN A 80 -3.00 -0.78 13.84
C GLN A 80 -2.94 -0.07 15.16
N GLU A 81 -2.61 1.17 15.18
CA GLU A 81 -2.53 2.01 16.30
C GLU A 81 -3.85 2.08 17.02
N TRP A 82 -4.91 2.28 16.32
CA TRP A 82 -6.24 2.32 16.78
C TRP A 82 -6.62 1.04 17.49
N VAL A 83 -6.35 -0.07 16.88
CA VAL A 83 -6.59 -1.37 17.38
C VAL A 83 -5.88 -1.59 18.69
N ASP A 84 -4.63 -1.26 18.75
CA ASP A 84 -3.79 -1.35 19.89
C ASP A 84 -4.33 -0.53 21.03
N PHE A 85 -4.73 0.67 20.79
CA PHE A 85 -5.34 1.55 21.69
C PHE A 85 -6.57 0.96 22.30
N LEU A 86 -7.46 0.45 21.50
CA LEU A 86 -8.66 -0.18 21.85
C LEU A 86 -8.43 -1.32 22.81
N GLU A 87 -7.56 -2.21 22.48
CA GLU A 87 -7.17 -3.33 23.25
C GLU A 87 -6.59 -2.93 24.57
N LYS A 88 -5.73 -1.97 24.59
CA LYS A 88 -5.13 -1.39 25.73
C LYS A 88 -6.17 -0.94 26.72
N ASN A 89 -7.13 -0.19 26.29
CA ASN A 89 -8.24 0.28 27.04
C ASN A 89 -9.17 -0.84 27.44
N LYS A 90 -9.57 -1.64 26.52
CA LYS A 90 -10.48 -2.72 26.68
C LYS A 90 -9.98 -3.74 27.67
N ARG A 91 -8.84 -4.31 27.44
CA ARG A 91 -8.22 -5.31 28.20
C ARG A 91 -8.01 -4.90 29.63
N ASN A 92 -7.47 -3.75 29.86
CA ASN A 92 -7.29 -3.12 31.11
C ASN A 92 -8.57 -2.82 31.82
N ASN A 93 -9.68 -2.83 31.16
CA ASN A 93 -10.96 -2.56 31.70
C ASN A 93 -11.03 -1.18 32.29
N SER A 94 -10.46 -0.20 31.69
CA SER A 94 -10.53 1.18 32.00
C SER A 94 -11.84 1.76 31.53
N LEU A 95 -12.95 1.05 31.74
CA LEU A 95 -14.28 1.30 31.19
C LEU A 95 -15.38 0.78 32.14
N ASN A 96 -15.23 1.05 33.44
CA ASN A 96 -16.13 0.55 34.49
C ASN A 96 -17.59 1.03 34.34
N ASN A 97 -17.84 2.06 33.54
CA ASN A 97 -19.14 2.33 32.93
C ASN A 97 -19.06 1.94 31.44
N HIS A 98 -19.95 1.08 30.98
CA HIS A 98 -19.86 0.43 29.65
C HIS A 98 -20.20 1.35 28.46
N THR A 99 -20.51 2.63 28.72
CA THR A 99 -20.54 3.72 27.73
C THR A 99 -20.12 5.02 28.45
N ARG A 100 -19.29 5.85 27.79
CA ARG A 100 -18.67 7.05 28.39
C ARG A 100 -18.51 8.20 27.40
N ARG A 101 -18.40 9.43 27.92
CA ARG A 101 -18.03 10.65 27.18
C ARG A 101 -16.52 10.66 26.83
N ILE A 102 -16.10 9.74 25.96
CA ILE A 102 -14.70 9.53 25.60
C ILE A 102 -14.12 10.73 24.84
N GLN A 103 -12.86 11.05 25.10
CA GLN A 103 -12.03 12.00 24.34
C GLN A 103 -10.60 11.46 24.24
N MET A 104 -9.89 11.81 23.17
CA MET A 104 -8.52 11.35 22.94
C MET A 104 -7.69 12.37 22.14
N SER A 105 -6.38 12.20 22.24
CA SER A 105 -5.37 13.14 21.79
C SER A 105 -4.08 12.39 21.41
N ILE A 106 -3.21 13.04 20.64
CA ILE A 106 -2.09 12.48 19.99
C ILE A 106 -1.18 11.81 20.97
N GLY A 107 -0.88 12.44 22.06
CA GLY A 107 -0.12 11.93 23.08
C GLY A 107 -0.55 10.70 23.74
N ASP A 108 -1.71 10.21 23.44
CA ASP A 108 -2.36 9.05 23.91
C ASP A 108 -2.17 7.81 23.07
N PHE A 109 -1.52 7.89 21.96
CA PHE A 109 -1.22 6.91 20.98
C PHE A 109 0.26 6.67 20.85
N THR A 110 0.75 5.49 20.95
CA THR A 110 2.11 5.11 20.95
C THR A 110 2.75 5.25 19.59
N GLY A 111 3.76 6.10 19.45
CA GLY A 111 4.55 6.17 18.24
C GLY A 111 3.94 6.97 17.11
N LEU A 112 2.79 7.54 17.23
CA LEU A 112 2.11 8.28 16.24
C LEU A 112 2.90 9.48 15.78
N ALA A 113 3.55 10.13 16.74
CA ALA A 113 4.28 11.36 16.44
C ALA A 113 5.39 11.09 15.42
N SER A 114 6.12 9.99 15.58
CA SER A 114 7.18 9.68 14.63
C SER A 114 6.63 9.51 13.23
N LYS A 115 5.54 8.82 13.05
CA LYS A 115 4.87 8.61 11.82
C LYS A 115 4.48 9.91 11.17
N ILE A 116 3.86 10.78 11.96
CA ILE A 116 3.39 12.05 11.41
C ILE A 116 4.57 12.89 10.96
N GLU A 117 5.64 12.90 11.75
CA GLU A 117 6.83 13.65 11.38
C GLU A 117 7.43 13.12 10.09
N GLY A 118 7.50 11.79 9.96
CA GLY A 118 8.01 11.21 8.73
C GLY A 118 7.18 11.59 7.52
N THR A 119 5.86 11.55 7.65
CA THR A 119 4.99 11.95 6.55
C THR A 119 5.25 13.40 6.16
N PHE A 120 5.34 14.28 7.16
CA PHE A 120 5.57 15.69 6.88
C PHE A 120 6.90 15.89 6.17
N ASP A 121 7.95 15.22 6.63
CA ASP A 121 9.25 15.36 5.99
C ASP A 121 9.22 14.86 4.56
N GLU A 122 8.54 13.74 4.32
CA GLU A 122 8.43 13.22 2.97
C GLU A 122 7.74 14.22 2.05
N ILE A 123 6.64 14.81 2.53
CA ILE A 123 5.94 15.79 1.71
C ILE A 123 6.83 16.98 1.42
N ASN A 124 7.58 17.43 2.43
CA ASN A 124 8.49 18.56 2.20
C ASN A 124 9.53 18.22 1.14
N SER A 125 10.08 17.01 1.19
CA SER A 125 11.06 16.61 0.19
C SER A 125 10.45 16.61 -1.20
N ILE A 126 9.23 16.09 -1.33
CA ILE A 126 8.59 16.08 -2.64
C ILE A 126 8.36 17.50 -3.15
N CYS A 127 7.96 18.40 -2.24
CA CYS A 127 7.74 19.78 -2.66
C CYS A 127 9.03 20.42 -3.14
N LYS A 128 10.14 20.16 -2.44
CA LYS A 128 11.42 20.69 -2.89
C LYS A 128 11.78 20.12 -4.25
N GLY A 129 11.52 18.84 -4.47
CA GLY A 129 11.77 18.26 -5.78
C GLY A 129 10.99 18.95 -6.87
N LEU A 130 9.71 19.21 -6.61
CA LEU A 130 8.89 19.92 -7.58
C LEU A 130 9.46 21.31 -7.86
N ALA A 131 9.88 22.01 -6.81
CA ALA A 131 10.46 23.34 -7.01
C ALA A 131 11.68 23.26 -7.90
N ASP A 132 12.57 22.30 -7.64
CA ASP A 132 13.77 22.15 -8.46
C ASP A 132 13.40 21.86 -9.90
N ALA A 133 12.46 21.01 -10.17
CA ALA A 133 11.95 20.69 -11.44
C ALA A 133 11.46 21.90 -12.17
N ALA A 134 10.67 22.71 -11.46
CA ALA A 134 10.19 23.96 -12.04
C ALA A 134 11.35 24.86 -12.43
N GLY A 135 12.37 24.95 -11.58
CA GLY A 135 13.54 25.74 -11.91
C GLY A 135 14.53 25.06 -12.83
N ALA A 136 14.33 23.85 -13.23
CA ALA A 136 15.15 23.07 -14.06
C ALA A 136 15.26 23.64 -15.45
N GLN A 137 16.27 23.31 -16.20
CA GLN A 137 16.60 23.68 -17.53
C GLN A 137 16.79 22.51 -18.48
N ALA A 138 16.17 21.40 -18.27
CA ALA A 138 16.23 20.22 -19.03
C ALA A 138 15.50 20.35 -20.35
N ASN A 139 15.58 19.34 -21.21
CA ASN A 139 14.81 19.30 -22.46
C ASN A 139 13.30 19.22 -22.16
N LYS A 140 12.48 19.65 -23.11
CA LYS A 140 11.03 19.85 -23.00
C LYS A 140 10.30 18.60 -22.56
N ARG A 141 10.39 17.52 -23.35
CA ARG A 141 9.74 16.25 -23.01
C ARG A 141 10.21 15.71 -21.66
N THR A 142 11.51 15.76 -21.39
CA THR A 142 12.13 15.37 -20.19
C THR A 142 11.51 16.06 -19.01
N LYS A 143 11.40 17.36 -19.06
CA LYS A 143 10.77 18.19 -18.12
C LYS A 143 9.35 17.77 -17.86
N ARG A 144 8.59 17.57 -18.95
CA ARG A 144 7.18 17.19 -18.89
C ARG A 144 6.99 15.86 -18.14
N GLU A 145 7.79 14.85 -18.45
CA GLU A 145 7.81 13.58 -17.84
C GLU A 145 8.13 13.66 -16.38
N ARG A 146 9.14 14.38 -16.02
CA ARG A 146 9.59 14.63 -14.70
C ARG A 146 8.48 15.19 -13.86
N THR A 147 7.86 16.23 -14.31
CA THR A 147 6.76 16.88 -13.71
C THR A 147 5.62 15.93 -13.46
N GLY A 148 5.25 15.18 -14.44
CA GLY A 148 4.25 14.23 -14.35
C GLY A 148 4.44 13.20 -13.31
N LEU A 149 5.58 12.61 -13.25
CA LEU A 149 5.99 11.66 -12.30
C LEU A 149 5.93 12.21 -10.90
N LEU A 150 6.44 13.37 -10.68
CA LEU A 150 6.43 14.06 -9.44
C LEU A 150 5.03 14.24 -8.92
N LEU A 151 4.15 14.73 -9.73
CA LEU A 151 2.78 14.90 -9.44
C LEU A 151 2.14 13.60 -9.04
N LYS A 152 2.35 12.56 -9.78
CA LYS A 152 1.89 11.25 -9.57
C LYS A 152 2.23 10.77 -8.19
N ARG A 153 3.47 10.85 -7.82
CA ARG A 153 3.99 10.50 -6.55
C ARG A 153 3.36 11.30 -5.44
N LEU A 154 3.18 12.56 -5.63
CA LEU A 154 2.61 13.48 -4.72
C LEU A 154 1.17 13.18 -4.42
N GLN A 155 0.42 12.70 -5.34
CA GLN A 155 -0.97 12.50 -5.35
C GLN A 155 -1.43 11.17 -4.81
N ALA A 156 -0.59 10.25 -4.49
CA ALA A 156 -0.85 8.98 -3.98
C ALA A 156 -1.57 9.05 -2.66
N ARG A 157 -2.23 7.97 -2.24
CA ARG A 157 -2.98 7.89 -0.98
C ARG A 157 -2.09 7.61 0.24
N LYS A 158 -0.90 8.19 0.29
CA LYS A 158 0.02 8.22 1.37
C LYS A 158 0.63 9.58 1.62
N ALA A 159 0.00 10.62 1.22
CA ALA A 159 0.46 11.91 0.89
C ALA A 159 -0.52 13.01 1.21
N LEU A 160 -0.41 14.15 0.61
CA LEU A 160 -1.25 15.28 0.73
C LEU A 160 -2.66 14.97 1.14
N PRO A 161 -3.32 13.97 0.54
CA PRO A 161 -4.61 13.58 1.04
C PRO A 161 -4.68 13.31 2.52
N SER A 162 -3.73 12.63 3.06
CA SER A 162 -3.58 12.31 4.43
C SER A 162 -3.49 13.54 5.29
N LEU A 163 -2.66 14.45 4.94
CA LEU A 163 -2.45 15.69 5.56
C LEU A 163 -3.71 16.50 5.60
N PHE A 164 -4.40 16.54 4.46
CA PHE A 164 -5.68 17.24 4.39
C PHE A 164 -6.67 16.64 5.37
N SER A 165 -6.80 15.36 5.45
CA SER A 165 -7.61 14.66 6.36
C SER A 165 -7.31 15.04 7.78
N LEU A 166 -6.07 15.04 8.15
CA LEU A 166 -5.57 15.43 9.42
C LEU A 166 -6.03 16.81 9.79
N ILE A 167 -5.83 17.76 8.95
CA ILE A 167 -6.16 19.13 9.10
C ILE A 167 -7.64 19.28 9.34
N GLU A 168 -8.45 18.65 8.56
CA GLU A 168 -9.86 18.72 8.56
C GLU A 168 -10.48 18.13 9.80
N ASN A 169 -9.79 17.32 10.53
CA ASN A 169 -10.17 16.54 11.64
C ASN A 169 -9.35 16.71 12.90
N SER A 170 -8.88 17.88 13.21
CA SER A 170 -8.08 18.25 14.31
C SER A 170 -8.45 19.58 14.89
N ALA A 171 -8.10 19.88 16.09
CA ALA A 171 -8.35 21.06 16.82
C ALA A 171 -7.32 21.35 17.87
N ASP A 172 -7.14 22.56 18.28
CA ASP A 172 -6.28 23.10 19.26
C ASP A 172 -7.03 23.73 20.40
N LYS A 173 -6.77 23.35 21.66
CA LYS A 173 -7.29 23.93 22.91
C LYS A 173 -6.76 25.33 23.27
N ASN A 174 -5.64 25.81 22.68
CA ASN A 174 -4.86 26.93 23.04
C ASN A 174 -4.53 27.88 21.92
N GLU A 175 -5.25 27.88 20.85
CA GLU A 175 -5.14 28.74 19.74
C GLU A 175 -5.38 30.17 20.15
N THR A 176 -4.63 31.11 19.68
CA THR A 176 -4.70 32.52 19.86
C THR A 176 -5.13 33.35 18.69
N GLY A 177 -4.77 32.93 17.49
CA GLY A 177 -5.16 33.64 16.28
C GLY A 177 -6.27 32.91 15.54
N ASN A 178 -6.13 32.80 14.22
CA ASN A 178 -7.13 32.13 13.40
C ASN A 178 -6.49 31.26 12.33
N LEU A 179 -5.32 30.67 12.58
CA LEU A 179 -4.62 29.93 11.55
C LEU A 179 -5.45 28.76 11.03
N SER A 180 -6.04 27.98 11.94
CA SER A 180 -6.74 26.77 11.55
C SER A 180 -7.74 27.06 10.44
N LEU A 181 -8.48 28.16 10.55
CA LEU A 181 -9.45 28.50 9.51
C LEU A 181 -8.75 28.74 8.18
N GLN A 182 -7.61 29.44 8.20
CA GLN A 182 -6.89 29.71 6.96
C GLN A 182 -6.42 28.41 6.31
N LEU A 183 -5.86 27.50 7.11
CA LEU A 183 -5.43 26.22 6.55
C LEU A 183 -6.61 25.45 5.96
N LYS A 184 -7.72 25.38 6.63
CA LYS A 184 -8.90 24.73 6.22
C LYS A 184 -9.38 25.25 4.90
N ASN A 185 -9.39 26.58 4.78
CA ASN A 185 -9.84 27.20 3.54
C ASN A 185 -8.87 26.90 2.40
N LYS A 186 -7.57 27.02 2.65
CA LYS A 186 -6.60 26.84 1.57
C LYS A 186 -6.55 25.40 1.09
N SER A 187 -6.94 24.45 1.94
CA SER A 187 -6.87 23.04 1.55
C SER A 187 -7.66 22.78 0.27
N ILE A 188 -8.84 23.38 0.15
CA ILE A 188 -9.68 23.10 -1.02
C ILE A 188 -9.02 23.60 -2.30
N LEU A 189 -8.47 24.82 -2.25
CA LEU A 189 -7.79 25.34 -3.44
C LEU A 189 -6.59 24.48 -3.81
N ILE A 190 -5.80 24.04 -2.83
CA ILE A 190 -4.68 23.17 -3.14
C ILE A 190 -5.17 21.89 -3.80
N GLU A 191 -6.25 21.32 -3.27
CA GLU A 191 -6.77 20.07 -3.83
C GLU A 191 -7.19 20.26 -5.28
N GLN A 192 -7.94 21.34 -5.55
CA GLN A 192 -8.42 21.56 -6.91
C GLN A 192 -7.26 21.78 -7.87
N GLN A 193 -6.26 22.56 -7.46
CA GLN A 193 -5.13 22.80 -8.33
C GLN A 193 -4.35 21.52 -8.57
N LEU A 194 -4.22 20.66 -7.56
CA LEU A 194 -3.57 19.37 -7.76
C LEU A 194 -4.33 18.55 -8.79
N ALA A 195 -5.62 18.48 -8.73
CA ALA A 195 -6.47 17.82 -9.65
C ALA A 195 -6.22 18.28 -11.05
N ALA A 196 -6.22 19.55 -11.27
CA ALA A 196 -5.96 20.20 -12.49
C ALA A 196 -4.62 19.83 -13.06
N GLY A 197 -3.60 19.88 -12.28
CA GLY A 197 -2.32 19.51 -12.65
C GLY A 197 -2.15 18.12 -13.11
N VAL A 198 -2.72 17.19 -12.42
CA VAL A 198 -2.81 15.82 -12.76
C VAL A 198 -3.45 15.65 -14.11
N GLN A 199 -4.57 16.27 -14.32
CA GLN A 199 -5.28 16.33 -15.54
C GLN A 199 -4.40 16.75 -16.69
N THR A 200 -3.61 17.76 -16.51
CA THR A 200 -2.81 18.40 -17.48
C THR A 200 -1.61 17.58 -17.89
N PHE A 201 -0.75 17.26 -16.97
CA PHE A 201 0.54 16.72 -17.13
C PHE A 201 0.63 15.22 -17.20
N LEU A 202 -0.41 14.48 -17.08
CA LEU A 202 -0.45 13.07 -17.06
C LEU A 202 -1.58 12.43 -17.81
N PRO A 203 -1.87 12.80 -19.07
CA PRO A 203 -2.98 12.26 -19.84
C PRO A 203 -2.70 10.86 -20.44
N ALA A 204 -1.52 10.31 -20.17
CA ALA A 204 -1.02 9.08 -20.78
C ALA A 204 -0.52 8.02 -19.76
N GLN A 205 -1.07 8.01 -18.54
CA GLN A 205 -0.94 6.83 -17.67
C GLN A 205 -1.47 5.59 -18.39
N SER A 206 -0.87 4.42 -18.15
CA SER A 206 -1.34 3.17 -18.73
C SER A 206 -2.82 2.88 -18.48
N GLY A 207 -3.34 3.23 -17.30
CA GLY A 207 -4.73 3.01 -16.92
C GLY A 207 -5.74 4.07 -17.40
N GLY A 208 -5.28 5.16 -18.02
CA GLY A 208 -6.14 6.30 -18.31
C GLY A 208 -6.62 7.03 -17.04
N LEU A 209 -7.69 7.82 -17.16
CA LEU A 209 -8.30 8.57 -16.05
C LEU A 209 -9.81 8.27 -15.95
N PRO A 210 -10.42 8.21 -14.76
CA PRO A 210 -11.85 8.04 -14.61
C PRO A 210 -12.65 9.11 -15.29
N VAL A 211 -13.72 8.81 -15.95
CA VAL A 211 -14.68 9.67 -16.53
C VAL A 211 -16.11 9.46 -16.11
N ALA A 212 -16.53 8.30 -15.74
CA ALA A 212 -17.84 7.90 -15.39
C ALA A 212 -17.90 6.58 -14.69
N LYS A 213 -18.89 6.33 -13.91
CA LYS A 213 -19.18 5.16 -13.16
C LYS A 213 -20.54 4.59 -13.45
N ALA A 214 -20.67 3.28 -13.44
CA ALA A 214 -21.95 2.63 -13.67
C ALA A 214 -22.06 1.41 -12.77
N SER A 215 -23.29 1.01 -12.50
CA SER A 215 -23.56 -0.15 -11.66
C SER A 215 -24.68 -0.97 -12.28
N PHE A 216 -24.71 -2.25 -11.94
CA PHE A 216 -25.78 -3.12 -12.42
C PHE A 216 -26.99 -3.07 -11.52
N ASN A 217 -26.79 -3.10 -10.20
CA ASN A 217 -27.91 -3.11 -9.28
C ASN A 217 -28.78 -1.88 -9.48
N TYR A 218 -30.09 -2.10 -9.57
CA TYR A 218 -31.03 -1.01 -9.75
C TYR A 218 -31.17 -0.15 -8.49
N TYR A 219 -30.70 -0.56 -7.36
CA TYR A 219 -30.86 0.05 -6.10
C TYR A 219 -30.30 1.44 -6.07
N THR A 220 -29.11 1.63 -6.52
CA THR A 220 -28.30 2.79 -6.44
C THR A 220 -28.55 3.82 -7.52
N ILE A 221 -28.81 3.35 -8.73
CA ILE A 221 -28.88 4.26 -9.87
C ILE A 221 -30.14 5.12 -9.79
N ASN A 222 -31.28 4.53 -9.46
CA ASN A 222 -32.57 5.22 -9.58
C ASN A 222 -32.64 6.51 -8.79
N LYS A 223 -31.72 6.82 -7.93
CA LYS A 223 -31.63 8.01 -7.16
C LYS A 223 -31.92 9.22 -7.99
N LYS A 224 -33.00 9.94 -7.72
CA LYS A 224 -33.27 11.18 -8.44
C LYS A 224 -32.47 12.32 -7.83
N PRO A 225 -32.16 13.35 -8.62
CA PRO A 225 -31.33 14.44 -8.11
C PRO A 225 -32.07 15.29 -7.10
N VAL A 226 -31.31 16.09 -6.37
CA VAL A 226 -31.83 17.00 -5.36
C VAL A 226 -31.16 18.36 -5.53
N ASP A 227 -31.95 19.42 -5.42
CA ASP A 227 -31.43 20.79 -5.56
C ASP A 227 -30.64 21.14 -4.29
N PHE A 228 -29.40 20.65 -4.27
CA PHE A 228 -28.56 20.82 -3.10
C PHE A 228 -28.30 22.29 -2.80
N GLY A 229 -28.05 23.10 -3.83
CA GLY A 229 -27.66 24.47 -3.60
C GLY A 229 -28.69 25.25 -2.79
N ASN A 230 -29.97 25.08 -3.12
CA ASN A 230 -31.00 25.79 -2.38
C ASN A 230 -31.03 25.35 -0.92
N GLU A 231 -30.92 24.04 -0.67
CA GLU A 231 -30.87 23.56 0.71
C GLU A 231 -29.60 24.05 1.40
N LYS A 232 -28.49 24.12 0.74
CA LYS A 232 -27.27 24.66 1.19
C LYS A 232 -27.44 26.06 1.70
N SER A 233 -28.05 26.89 0.87
CA SER A 233 -28.33 28.27 1.27
C SER A 233 -29.28 28.32 2.46
N GLU A 234 -30.31 27.48 2.45
CA GLU A 234 -31.25 27.44 3.56
C GLU A 234 -30.51 27.19 4.87
N LEU A 235 -29.70 26.19 4.95
CA LEU A 235 -28.92 25.82 6.07
C LEU A 235 -27.98 26.92 6.49
N GLU A 236 -27.32 27.51 5.50
CA GLU A 236 -26.37 28.58 5.77
C GLU A 236 -27.03 29.76 6.47
N SER A 237 -28.28 30.07 6.11
CA SER A 237 -28.95 31.24 6.68
C SER A 237 -28.99 31.18 8.20
N ARG A 238 -28.98 29.97 8.77
CA ARG A 238 -29.12 29.82 10.22
C ARG A 238 -27.92 30.38 10.98
N LEU A 239 -26.81 30.64 10.31
CA LEU A 239 -25.62 31.16 10.99
C LEU A 239 -25.66 32.67 11.19
N LYS A 240 -26.61 33.37 10.56
CA LYS A 240 -26.71 34.81 10.75
C LYS A 240 -27.00 35.10 12.22
N ILE A 241 -26.35 36.14 12.75
CA ILE A 241 -26.45 36.47 14.17
C ILE A 241 -26.44 37.99 14.32
N SER A 242 -27.23 38.48 15.28
CA SER A 242 -27.18 39.87 15.69
C SER A 242 -26.31 39.97 16.93
N ILE A 243 -25.46 41.00 16.97
CA ILE A 243 -24.52 41.12 18.08
C ILE A 243 -25.24 41.20 19.41
N ASP A 244 -26.37 41.91 19.45
CA ASP A 244 -27.12 42.06 20.70
C ASP A 244 -27.68 40.74 21.20
N THR A 245 -27.93 39.77 20.30
CA THR A 245 -28.61 38.54 20.69
C THR A 245 -27.67 37.47 21.21
N ILE A 246 -26.36 37.73 21.25
CA ILE A 246 -25.41 36.68 21.62
C ILE A 246 -25.68 36.20 23.04
N PHE A 247 -25.87 37.13 23.98
CA PHE A 247 -26.08 36.74 25.37
C PHE A 247 -27.48 36.23 25.63
N LYS A 248 -28.44 36.53 24.75
CA LYS A 248 -29.81 36.11 24.96
C LYS A 248 -30.00 34.61 24.71
N LEU A 249 -28.98 33.94 24.16
CA LEU A 249 -29.09 32.52 23.86
C LEU A 249 -28.75 31.62 25.03
N THR A 250 -28.33 32.19 26.17
CA THR A 250 -27.90 31.38 27.31
C THR A 250 -28.56 31.93 28.57
N ARG A 251 -28.53 31.11 29.62
CA ARG A 251 -29.11 31.47 30.90
C ARG A 251 -28.13 32.20 31.82
N GLU A 252 -26.86 32.30 31.44
CA GLU A 252 -25.86 32.96 32.28
C GLU A 252 -26.17 34.45 32.34
N ASN A 253 -26.30 34.97 33.57
CA ASN A 253 -26.59 36.38 33.79
C ASN A 253 -25.28 37.11 34.14
N PHE A 254 -24.49 37.36 33.10
CA PHE A 254 -23.21 38.01 33.29
C PHE A 254 -23.40 39.44 33.77
N SER A 255 -22.42 39.93 34.53
CA SER A 255 -22.47 41.30 35.01
C SER A 255 -22.42 42.28 33.86
N LYS A 256 -23.02 43.46 34.07
CA LYS A 256 -23.10 44.45 33.00
C LYS A 256 -21.71 44.88 32.54
N LYS A 257 -20.80 45.11 33.48
CA LYS A 257 -19.45 45.51 33.09
C LYS A 257 -18.75 44.42 32.29
N ILE A 258 -18.85 43.17 32.74
CA ILE A 258 -18.22 42.07 32.03
C ILE A 258 -18.82 41.91 30.65
N GLU A 259 -20.16 41.95 30.57
CA GLU A 259 -20.82 41.81 29.28
C GLU A 259 -20.42 42.92 28.33
N GLU A 260 -20.31 44.15 28.85
CA GLU A 260 -19.88 45.26 28.02
C GLU A 260 -18.45 45.05 27.53
N ALA A 261 -17.58 44.50 28.39
CA ALA A 261 -16.22 44.20 27.97
C ALA A 261 -16.21 43.19 26.83
N ILE A 262 -17.01 42.14 26.95
CA ILE A 262 -17.08 41.15 25.88
C ILE A 262 -17.61 41.79 24.60
N THR A 263 -18.63 42.62 24.73
CA THR A 263 -19.19 43.29 23.55
C THR A 263 -18.15 44.16 22.86
N ALA A 264 -17.39 44.92 23.65
CA ALA A 264 -16.34 45.74 23.06
C ALA A 264 -15.29 44.88 22.38
N ASP A 265 -14.91 43.76 23.00
CA ASP A 265 -13.96 42.86 22.38
C ASP A 265 -14.47 42.34 21.05
N ILE A 266 -15.74 41.92 21.00
CA ILE A 266 -16.34 41.50 19.75
C ILE A 266 -16.45 42.66 18.78
N GLN A 267 -16.86 43.83 19.30
CA GLN A 267 -16.98 45.01 18.44
C GLN A 267 -15.64 45.42 17.85
N LYS A 268 -14.53 44.93 18.41
CA LYS A 268 -13.23 45.20 17.84
C LYS A 268 -13.15 44.79 16.38
N GLU A 269 -13.91 43.77 15.99
CA GLU A 269 -13.96 43.31 14.61
C GLU A 269 -15.17 43.86 13.87
N LEU A 270 -15.93 44.76 14.47
CA LEU A 270 -17.09 45.38 13.83
C LEU A 270 -16.59 46.54 12.95
N ASN A 271 -15.94 46.17 11.85
CA ASN A 271 -15.32 47.16 10.98
C ASN A 271 -14.98 46.49 9.66
N ASN A 272 -14.69 47.32 8.65
CA ASN A 272 -14.21 46.86 7.36
C ASN A 272 -15.17 45.85 6.73
N GLY A 273 -16.47 46.11 6.86
CA GLY A 273 -17.46 45.24 6.25
C GLY A 273 -17.51 43.84 6.80
N LYS A 274 -16.84 43.59 7.93
CA LYS A 274 -16.86 42.25 8.52
C LYS A 274 -18.27 41.88 8.97
N THR A 275 -18.65 40.64 8.71
CA THR A 275 -19.95 40.12 9.10
C THR A 275 -19.75 39.02 10.14
N LEU A 276 -20.44 39.15 11.27
CA LEU A 276 -20.30 38.17 12.35
C LEU A 276 -21.23 37.00 12.11
N LEU A 277 -20.69 35.79 12.27
CA LEU A 277 -21.45 34.55 12.14
C LEU A 277 -21.16 33.66 13.33
N LEU A 278 -22.16 32.83 13.67
CA LEU A 278 -22.04 31.99 14.86
C LEU A 278 -20.79 31.11 14.79
N GLY A 279 -20.63 30.37 13.69
CA GLY A 279 -19.53 29.43 13.57
C GLY A 279 -18.64 29.71 12.38
N ASP A 280 -18.36 28.67 11.60
CA ASP A 280 -17.48 28.76 10.45
C ASP A 280 -17.88 27.71 9.43
N VAL A 281 -17.81 28.01 8.17
CA VAL A 281 -18.20 27.26 7.05
C VAL A 281 -17.09 27.08 6.04
N PRO A 282 -16.10 26.21 6.26
CA PRO A 282 -15.08 25.99 5.25
C PRO A 282 -15.59 25.58 3.91
N MET A 283 -16.60 24.80 3.83
CA MET A 283 -17.23 24.28 2.68
C MET A 283 -17.60 25.34 1.68
N LEU A 284 -17.93 26.53 2.18
CA LEU A 284 -18.30 27.66 1.32
C LEU A 284 -17.12 28.61 1.10
N GLY A 285 -15.95 28.28 1.63
CA GLY A 285 -14.81 29.16 1.48
C GLY A 285 -15.04 30.54 2.07
N ILE A 286 -15.73 30.60 3.21
CA ILE A 286 -16.02 31.89 3.82
C ILE A 286 -14.74 32.57 4.28
N GLU A 287 -14.65 33.87 4.02
CA GLU A 287 -13.57 34.68 4.55
C GLU A 287 -14.11 36.07 4.84
N ASN A 288 -13.30 36.87 5.54
CA ASN A 288 -13.64 38.20 6.03
C ASN A 288 -14.89 38.16 6.91
N TYR A 289 -15.35 36.97 7.28
CA TYR A 289 -16.39 36.85 8.28
C TYR A 289 -15.79 36.30 9.58
N VAL A 290 -16.16 36.91 10.70
CA VAL A 290 -15.58 36.59 11.99
C VAL A 290 -16.47 35.58 12.70
N SER A 291 -15.85 34.50 13.18
CA SER A 291 -16.58 33.46 13.91
C SER A 291 -16.57 33.76 15.39
N LEU A 292 -17.76 33.80 16.00
CA LEU A 292 -17.85 34.10 17.43
C LEU A 292 -17.12 33.06 18.25
N ARG A 293 -17.20 31.81 17.92
CA ARG A 293 -16.56 30.71 18.55
C ARG A 293 -15.09 30.96 18.72
N GLN A 294 -14.46 31.33 17.59
CA GLN A 294 -13.02 31.59 17.61
C GLN A 294 -12.69 32.76 18.52
N ILE A 295 -13.51 33.80 18.50
CA ILE A 295 -13.26 34.96 19.35
C ILE A 295 -13.30 34.55 20.82
N LEU A 296 -14.33 33.78 21.19
CA LEU A 296 -14.44 33.34 22.58
C LEU A 296 -13.25 32.47 22.97
N LYS A 297 -12.79 31.59 22.13
CA LYS A 297 -11.66 30.78 22.28
C LYS A 297 -10.43 31.61 22.58
N ASN A 298 -10.19 32.62 21.81
CA ASN A 298 -9.13 33.54 21.92
C ASN A 298 -9.14 34.25 23.25
N ILE A 299 -10.32 34.76 23.63
CA ILE A 299 -10.45 35.45 24.90
C ILE A 299 -10.09 34.51 26.04
N LYS A 300 -10.60 33.33 26.06
CA LYS A 300 -10.35 32.30 27.01
C LYS A 300 -8.87 32.06 27.16
N SER A 301 -8.21 31.75 26.11
CA SER A 301 -6.83 31.45 26.03
C SER A 301 -5.98 32.56 26.57
N ASN A 302 -6.26 33.77 26.08
CA ASN A 302 -5.45 34.91 26.46
C ASN A 302 -5.58 35.20 27.95
N GLN A 303 -6.81 35.22 28.47
CA GLN A 303 -6.98 35.51 29.89
C GLN A 303 -6.38 34.41 30.75
N LYS A 304 -6.46 33.17 30.40
CA LYS A 304 -5.86 32.07 31.04
C LYS A 304 -4.36 32.23 31.14
N LYS A 305 -3.76 32.56 29.98
CA LYS A 305 -2.33 32.76 29.94
C LYS A 305 -1.91 33.90 30.85
N ALA A 306 -2.65 35.01 30.80
CA ALA A 306 -2.30 36.15 31.63
C ALA A 306 -2.41 35.81 33.11
N PHE A 307 -3.48 35.11 33.50
CA PHE A 307 -3.64 34.72 34.90
C PHE A 307 -2.52 33.80 35.36
N SER A 308 -2.19 32.81 34.54
CA SER A 308 -1.10 31.90 34.90
C SER A 308 0.21 32.66 35.05
N ASP A 309 0.47 33.60 34.14
CA ASP A 309 1.69 34.40 34.24
C ASP A 309 1.69 35.22 35.53
N LEU A 310 0.54 35.79 35.89
CA LEU A 310 0.48 36.59 37.10
C LEU A 310 0.77 35.73 38.34
N MET A 311 0.14 34.56 38.44
CA MET A 311 0.42 33.71 39.58
C MET A 311 1.89 33.28 39.60
N GLN A 312 2.45 32.95 38.43
CA GLN A 312 3.85 32.55 38.39
C GLN A 312 4.75 33.67 38.90
N SER A 313 4.30 34.93 38.81
CA SER A 313 5.06 36.06 39.31
C SER A 313 4.80 36.35 40.79
N GLY A 314 3.80 35.70 41.40
CA GLY A 314 3.51 35.93 42.80
C GLY A 314 3.07 37.33 43.14
N LYS A 315 2.19 37.92 42.32
CA LYS A 315 1.74 39.28 42.57
C LYS A 315 0.62 39.30 43.59
N ASN A 316 0.33 40.50 44.11
CA ASN A 316 -0.57 40.66 45.24
C ASN A 316 -2.03 40.63 44.79
N TYR A 317 -2.92 40.50 45.78
CA TYR A 317 -4.35 40.46 45.50
C TYR A 317 -4.84 41.76 44.87
N ASN A 318 -4.42 42.89 45.43
CA ASN A 318 -4.89 44.18 44.89
C ASN A 318 -4.46 44.35 43.45
N GLU A 319 -3.26 43.88 43.10
CA GLU A 319 -2.82 43.98 41.72
C GLU A 319 -3.73 43.20 40.78
N LEU A 320 -4.13 41.99 41.20
CA LEU A 320 -5.11 41.23 40.43
C LEU A 320 -6.36 42.06 40.18
N LYS A 321 -6.86 42.74 41.21
CA LYS A 321 -8.06 43.54 41.06
C LYS A 321 -7.86 44.64 40.02
N ALA A 322 -6.62 45.13 39.87
CA ALA A 322 -6.35 46.16 38.88
C ALA A 322 -6.20 45.62 37.47
N THR A 323 -6.02 44.31 37.30
CA THR A 323 -5.82 43.74 35.99
C THR A 323 -7.12 43.80 35.17
N ASN A 324 -6.96 43.62 33.87
CA ASN A 324 -8.09 43.59 32.94
C ASN A 324 -8.68 42.20 32.76
N LEU A 325 -8.19 41.21 33.51
CA LEU A 325 -8.70 39.84 33.42
C LEU A 325 -10.07 39.77 34.10
N TYR A 326 -11.04 40.39 33.44
CA TYR A 326 -12.40 40.45 33.98
C TYR A 326 -12.98 39.07 34.25
N LEU A 327 -12.53 38.05 33.54
CA LEU A 327 -13.03 36.70 33.76
C LEU A 327 -12.52 36.08 35.05
N LEU A 328 -11.43 36.60 35.61
CA LEU A 328 -10.79 35.99 36.77
C LEU A 328 -10.43 36.97 37.87
N ASN A 329 -10.55 38.28 37.66
CA ASN A 329 -10.20 39.25 38.70
C ASN A 329 -11.29 39.39 39.75
N THR A 330 -12.34 38.58 39.71
CA THR A 330 -13.46 38.71 40.63
C THR A 330 -13.42 37.71 41.78
N ILE A 331 -12.38 36.88 41.87
CA ILE A 331 -12.35 35.86 42.91
C ILE A 331 -12.05 36.50 44.26
N GLU A 332 -12.32 35.73 45.32
CA GLU A 332 -12.09 36.21 46.68
C GLU A 332 -10.61 36.20 47.01
N GLN A 333 -10.22 37.08 47.95
CA GLN A 333 -8.86 37.04 48.46
C GLN A 333 -8.56 35.71 49.13
N ARG A 334 -9.58 35.06 49.70
CA ARG A 334 -9.39 33.73 50.27
C ARG A 334 -9.07 32.71 49.18
N GLN A 335 -9.83 32.74 48.09
CA GLN A 335 -9.56 31.84 46.98
C GLN A 335 -8.17 32.12 46.39
N PHE A 336 -7.82 33.39 46.25
CA PHE A 336 -6.50 33.74 45.73
C PHE A 336 -5.41 33.23 46.68
N ASP A 337 -5.64 33.35 47.98
CA ASP A 337 -4.66 32.87 48.95
C ASP A 337 -4.49 31.36 48.85
N ASN A 338 -5.59 30.63 48.72
CA ASN A 338 -5.50 29.17 48.59
C ASN A 338 -4.76 28.81 47.30
N TYR A 339 -5.06 29.51 46.21
CA TYR A 339 -4.39 29.24 44.95
C TYR A 339 -2.89 29.52 45.07
N LYS A 340 -2.53 30.61 45.74
CA LYS A 340 -1.11 30.94 45.90
C LYS A 340 -0.41 29.92 46.78
N VAL A 341 -1.10 29.43 47.81
CA VAL A 341 -0.52 28.39 48.66
C VAL A 341 -0.26 27.13 47.83
N LYS A 342 -1.23 26.75 47.00
CA LYS A 342 -1.04 25.59 46.14
C LYS A 342 0.12 25.82 45.16
N THR A 343 0.23 27.04 44.63
CA THR A 343 1.33 27.35 43.71
C THR A 343 2.67 27.25 44.42
N ASN A 344 2.73 27.73 45.67
CA ASN A 344 3.97 27.63 46.44
C ASN A 344 4.31 26.17 46.71
N GLU A 345 3.30 25.35 47.01
CA GLU A 345 3.54 23.93 47.16
C GLU A 345 4.10 23.33 45.88
N LEU A 346 3.54 23.73 44.73
CA LEU A 346 4.05 23.25 43.45
C LEU A 346 5.49 23.68 43.24
N GLU A 347 5.82 24.92 43.59
CA GLU A 347 7.19 25.40 43.44
C GLU A 347 8.14 24.59 44.32
N LYS A 348 7.73 24.31 45.56
CA LYS A 348 8.56 23.50 46.44
C LYS A 348 8.74 22.10 45.88
N LEU A 349 7.67 21.51 45.34
CA LEU A 349 7.77 20.18 44.76
C LEU A 349 8.70 20.18 43.56
N ALA A 350 8.63 21.21 42.72
CA ALA A 350 9.54 21.30 41.58
C ALA A 350 10.98 21.44 42.03
N VAL A 351 11.22 22.24 43.06
CA VAL A 351 12.57 22.40 43.59
C VAL A 351 13.09 21.06 44.09
N LYS A 352 12.27 20.33 44.84
CA LYS A 352 12.68 19.02 45.35
C LYS A 352 12.94 18.05 44.20
N ILE A 353 12.09 18.09 43.17
CA ILE A 353 12.29 17.21 42.01
C ILE A 353 13.63 17.50 41.35
N ASN A 354 13.93 18.79 41.15
CA ASN A 354 15.26 19.14 40.65
C ASN A 354 16.35 18.67 41.60
N GLN A 355 16.04 18.58 42.89
CA GLN A 355 16.97 18.06 43.87
C GLN A 355 16.93 16.53 43.99
N ALA A 356 15.98 15.89 43.30
CA ALA A 356 15.86 14.44 43.40
C ALA A 356 17.11 13.76 42.87
N THR A 357 17.47 12.63 43.50
CA THR A 357 18.66 11.89 43.14
C THR A 357 18.38 10.47 42.64
N ASN A 358 17.19 9.93 42.90
CA ASN A 358 16.85 8.57 42.50
C ASN A 358 15.56 8.56 41.70
N ASP A 359 15.43 7.57 40.82
CA ASP A 359 14.27 7.50 39.94
C ASP A 359 12.97 7.34 40.73
N ASN A 360 12.98 6.48 41.74
CA ASN A 360 11.75 6.22 42.49
C ASN A 360 11.31 7.46 43.28
N GLN A 361 12.27 8.15 43.91
CA GLN A 361 11.92 9.35 44.67
C GLN A 361 11.41 10.45 43.75
N LYS A 362 12.05 10.62 42.60
CA LYS A 362 11.58 11.60 41.63
C LYS A 362 10.19 11.23 41.12
N LYS A 363 9.93 9.95 40.92
CA LYS A 363 8.61 9.51 40.50
C LYS A 363 7.56 9.82 41.56
N GLU A 364 7.89 9.58 42.82
CA GLU A 364 6.97 9.91 43.91
C GLU A 364 6.70 11.40 43.95
N LEU A 365 7.75 12.21 43.79
CA LEU A 365 7.57 13.66 43.79
C LEU A 365 6.70 14.10 42.62
N ILE A 366 6.89 13.48 41.46
CA ILE A 366 6.09 13.83 40.29
C ILE A 366 4.63 13.44 40.51
N SER A 367 4.39 12.29 41.14
CA SER A 367 3.02 11.90 41.46
C SER A 367 2.38 12.90 42.42
N ASN A 368 3.13 13.33 43.43
CA ASN A 368 2.59 14.34 44.35
C ASN A 368 2.31 15.64 43.62
N LYS A 369 3.19 16.03 42.70
CA LYS A 369 2.98 17.24 41.91
C LYS A 369 1.71 17.12 41.07
N GLN A 370 1.51 15.95 40.46
CA GLN A 370 0.30 15.72 39.67
C GLN A 370 -0.94 15.82 40.54
N ARG A 371 -0.88 15.24 41.75
CA ARG A 371 -2.01 15.32 42.66
C ARG A 371 -2.32 16.77 43.03
N VAL A 372 -1.28 17.55 43.32
CA VAL A 372 -1.48 18.94 43.70
C VAL A 372 -2.02 19.74 42.52
N ALA A 373 -1.54 19.43 41.32
CA ALA A 373 -2.05 20.11 40.12
C ALA A 373 -3.53 19.81 39.92
N LYS A 374 -3.92 18.55 40.13
CA LYS A 374 -5.33 18.21 40.03
C LYS A 374 -6.14 18.94 41.09
N GLN A 375 -5.59 19.05 42.30
CA GLN A 375 -6.26 19.82 43.35
C GLN A 375 -6.47 21.27 42.91
N ARG A 376 -5.42 21.88 42.37
CA ARG A 376 -5.50 23.26 41.92
C ARG A 376 -6.54 23.42 40.81
N GLY A 377 -6.55 22.49 39.86
CA GLY A 377 -7.54 22.56 38.79
C GLY A 377 -8.95 22.39 39.31
N ILE A 378 -9.14 21.50 40.28
CA ILE A 378 -10.45 21.30 40.88
C ILE A 378 -10.91 22.59 41.54
N ILE A 379 -10.02 23.21 42.32
CA ILE A 379 -10.36 24.46 43.00
C ILE A 379 -10.74 25.52 41.98
N MET A 380 -9.95 25.63 40.91
CA MET A 380 -10.20 26.64 39.89
C MET A 380 -11.56 26.42 39.23
N ARG A 381 -11.90 25.23 38.86
CA ARG A 381 -13.06 24.85 38.17
C ARG A 381 -14.31 24.87 39.02
N ASP A 382 -14.12 24.83 40.34
CA ASP A 382 -15.27 24.77 41.24
C ASP A 382 -15.59 26.16 41.79
N ASN A 383 -14.59 26.85 42.35
CA ASN A 383 -14.84 28.09 43.06
C ASN A 383 -15.14 29.26 42.14
N PHE A 384 -14.51 29.28 40.95
CA PHE A 384 -14.56 30.46 40.08
C PHE A 384 -15.91 30.51 39.38
N ALA A 385 -16.84 31.25 39.98
CA ALA A 385 -18.19 31.36 39.43
C ALA A 385 -18.18 32.01 38.06
N THR A 386 -17.43 33.10 37.90
CA THR A 386 -17.39 33.80 36.61
C THR A 386 -16.81 32.90 35.53
N TRP A 387 -15.75 32.19 35.78
CA TRP A 387 -15.15 31.24 34.94
C TRP A 387 -16.13 30.17 34.55
N LYS A 388 -16.86 29.65 35.47
CA LYS A 388 -17.87 28.69 35.33
C LYS A 388 -18.93 29.13 34.35
N SER A 389 -19.42 30.35 34.57
CA SER A 389 -20.44 30.90 33.69
C SER A 389 -19.92 31.07 32.27
N PHE A 390 -18.74 31.55 32.09
CA PHE A 390 -18.07 31.69 30.85
C PHE A 390 -17.98 30.39 30.12
N SER A 391 -17.54 29.36 30.76
CA SER A 391 -17.42 28.04 30.29
C SER A 391 -18.74 27.50 29.81
N ASN A 392 -19.76 27.64 30.59
CA ASN A 392 -21.09 27.27 30.31
C ASN A 392 -21.59 27.89 29.04
N PHE A 393 -21.45 29.17 28.90
CA PHE A 393 -21.80 29.94 27.78
C PHE A 393 -21.11 29.46 26.53
N TYR A 394 -19.84 29.27 26.59
CA TYR A 394 -18.99 28.77 25.57
C TYR A 394 -19.47 27.44 25.06
N ARG A 395 -19.74 26.53 25.93
CA ARG A 395 -20.27 25.24 25.69
C ARG A 395 -21.57 25.33 24.95
N THR A 396 -22.46 26.17 25.38
CA THR A 396 -23.70 26.46 24.80
C THR A 396 -23.55 26.83 23.35
N ILE A 397 -22.71 27.76 23.06
CA ILE A 397 -22.40 28.26 21.77
C ILE A 397 -21.85 27.17 20.88
N SER A 398 -20.90 26.44 21.36
CA SER A 398 -20.12 25.50 20.66
C SER A 398 -20.96 24.46 19.96
N GLN A 399 -21.87 23.85 20.66
CA GLN A 399 -22.68 22.77 20.23
C GLN A 399 -23.46 23.09 18.99
N GLU A 400 -24.06 24.24 18.91
CA GLU A 400 -24.86 24.70 17.84
C GLU A 400 -24.10 24.67 16.53
N HIS A 401 -22.92 25.19 16.49
CA HIS A 401 -22.05 25.23 15.38
C HIS A 401 -21.89 23.88 14.76
N GLY A 402 -21.50 22.91 15.53
CA GLY A 402 -21.36 21.60 15.11
C GLY A 402 -22.56 20.97 14.54
N LYS A 403 -23.69 21.25 15.08
CA LYS A 403 -24.97 20.82 14.66
C LYS A 403 -25.19 21.10 13.20
N ILE A 404 -25.06 22.32 12.79
CA ILE A 404 -25.20 22.81 11.48
C ILE A 404 -24.12 22.27 10.57
N LEU A 405 -22.91 22.24 11.03
CA LEU A 405 -21.76 21.79 10.36
C LEU A 405 -21.91 20.39 9.87
N ALA A 406 -22.41 19.51 10.74
CA ALA A 406 -22.61 18.09 10.42
C ALA A 406 -23.57 17.92 9.25
N LEU A 407 -24.68 18.66 9.25
CA LEU A 407 -25.66 18.68 8.23
C LEU A 407 -25.09 19.12 6.91
N LEU A 408 -24.35 20.19 6.90
CA LEU A 408 -23.68 20.73 5.79
C LEU A 408 -22.74 19.71 5.17
N LYS A 409 -21.94 19.07 6.02
CA LYS A 409 -20.96 18.05 5.64
C LYS A 409 -21.65 16.88 4.95
N GLY A 410 -22.79 16.44 5.48
CA GLY A 410 -23.58 15.46 4.94
C GLY A 410 -24.15 15.74 3.61
N ILE A 411 -24.68 16.90 3.43
CA ILE A 411 -25.19 17.42 2.22
C ILE A 411 -24.15 17.38 1.13
N GLU A 412 -22.99 17.90 1.39
CA GLU A 412 -21.89 17.93 0.53
C GLU A 412 -21.48 16.55 0.09
N LYS A 413 -21.34 15.65 0.99
CA LYS A 413 -21.03 14.28 0.80
C LYS A 413 -21.99 13.63 -0.14
N GLU A 414 -23.25 13.79 0.08
CA GLU A 414 -24.32 13.29 -0.69
C GLU A 414 -24.27 13.76 -2.12
N ARG A 415 -24.05 15.02 -2.33
CA ARG A 415 -23.89 15.65 -3.58
C ARG A 415 -22.76 15.04 -4.36
N THR A 416 -21.61 14.93 -3.77
CA THR A 416 -20.45 14.33 -4.30
C THR A 416 -20.72 12.92 -4.77
N GLU A 417 -21.35 12.14 -3.97
CA GLU A 417 -21.76 10.81 -4.22
C GLU A 417 -22.62 10.75 -5.45
N SER A 418 -23.73 11.49 -5.43
CA SER A 418 -24.69 11.45 -6.51
C SER A 418 -24.10 11.92 -7.83
N GLN A 419 -23.05 12.75 -7.80
CA GLN A 419 -22.46 13.23 -9.05
C GLN A 419 -21.77 12.13 -9.84
N LEU A 420 -21.58 10.94 -9.25
CA LEU A 420 -20.78 9.91 -9.92
C LEU A 420 -21.62 8.94 -10.74
N LEU A 421 -22.54 8.24 -10.17
CA LEU A 421 -23.32 7.19 -10.71
C LEU A 421 -24.25 7.68 -11.80
N LYS A 422 -23.74 7.76 -13.03
CA LYS A 422 -24.51 8.33 -14.11
C LYS A 422 -25.41 7.33 -14.81
N TYR A 423 -25.03 6.12 -15.04
CA TYR A 423 -25.57 5.18 -15.93
C TYR A 423 -25.95 3.85 -15.33
N TRP A 424 -27.07 3.28 -15.75
CA TRP A 424 -27.39 1.89 -15.46
C TRP A 424 -26.72 0.99 -16.50
N ALA A 425 -26.38 -0.23 -16.08
CA ALA A 425 -25.54 -1.11 -16.87
C ALA A 425 -26.31 -2.33 -17.35
N LEU A 426 -26.05 -2.74 -18.59
CA LEU A 426 -26.60 -3.96 -19.16
C LEU A 426 -25.59 -4.54 -20.12
N ILE A 427 -25.68 -5.84 -20.36
CA ILE A 427 -24.78 -6.56 -21.25
C ILE A 427 -25.60 -7.28 -22.29
N LEU A 428 -25.20 -7.14 -23.55
CA LEU A 428 -25.87 -7.76 -24.68
C LEU A 428 -24.94 -8.77 -25.33
N GLU A 429 -25.49 -9.90 -25.76
CA GLU A 429 -24.73 -10.97 -26.40
C GLU A 429 -25.18 -11.10 -27.85
N ASN A 430 -24.24 -11.34 -28.75
CA ASN A 430 -24.55 -11.47 -30.17
C ASN A 430 -23.46 -12.27 -30.85
N ASN A 431 -23.85 -13.39 -31.46
CA ASN A 431 -22.94 -14.19 -32.30
C ASN A 431 -21.66 -14.54 -31.57
N GLY A 432 -21.78 -14.96 -30.31
CA GLY A 432 -20.61 -15.39 -29.57
C GLY A 432 -19.75 -14.27 -29.04
N GLN A 433 -20.24 -13.03 -29.01
CA GLN A 433 -19.50 -11.92 -28.46
C GLN A 433 -20.48 -11.02 -27.71
N HIS A 434 -20.01 -10.18 -26.86
CA HIS A 434 -20.67 -9.37 -25.92
C HIS A 434 -20.50 -7.89 -26.14
N LYS A 435 -21.59 -7.13 -26.10
CA LYS A 435 -21.55 -5.68 -26.18
C LYS A 435 -22.01 -5.11 -24.84
N LEU A 436 -21.44 -4.04 -24.40
CA LEU A 436 -21.69 -3.29 -23.23
C LEU A 436 -22.66 -2.18 -23.49
N ILE A 437 -23.72 -2.06 -22.69
CA ILE A 437 -24.77 -1.06 -22.90
C ILE A 437 -24.92 -0.25 -21.63
N LEU A 438 -24.92 1.08 -21.77
CA LEU A 438 -25.17 1.99 -20.66
C LEU A 438 -26.45 2.77 -20.94
N ILE A 439 -27.27 2.93 -19.92
CA ILE A 439 -28.53 3.67 -20.02
C ILE A 439 -28.40 4.94 -19.19
N PRO A 440 -28.83 6.09 -19.69
CA PRO A 440 -28.75 7.32 -18.89
C PRO A 440 -29.62 7.24 -17.64
N ARG A 441 -29.23 8.00 -16.63
CA ARG A 441 -29.93 8.03 -15.36
C ARG A 441 -31.42 8.30 -15.53
N GLU A 442 -31.74 9.31 -16.34
CA GLU A 442 -33.10 9.83 -16.38
C GLU A 442 -34.08 8.88 -17.07
N LYS A 443 -33.61 8.00 -17.94
CA LYS A 443 -34.49 7.09 -18.65
C LYS A 443 -34.69 5.75 -17.95
N ALA A 444 -34.02 5.55 -16.81
CA ALA A 444 -34.01 4.24 -16.17
C ALA A 444 -35.40 3.71 -15.87
N ALA A 445 -36.33 4.57 -15.46
CA ALA A 445 -37.66 4.09 -15.10
C ALA A 445 -38.34 3.44 -16.29
N SER A 446 -38.39 4.17 -17.41
CA SER A 446 -39.01 3.61 -18.61
C SER A 446 -38.24 2.40 -19.12
N CYS A 447 -36.91 2.43 -19.03
CA CYS A 447 -36.12 1.28 -19.47
C CYS A 447 -36.49 0.04 -18.68
N LYS A 448 -36.61 0.19 -17.35
CA LYS A 448 -36.97 -0.94 -16.50
C LYS A 448 -38.38 -1.42 -16.80
N GLN A 449 -39.32 -0.49 -16.99
CA GLN A 449 -40.69 -0.90 -17.28
C GLN A 449 -40.77 -1.67 -18.60
N TRP A 450 -40.06 -1.20 -19.61
CA TRP A 450 -40.14 -1.83 -20.92
C TRP A 450 -39.60 -3.25 -20.89
N ILE A 451 -38.43 -3.44 -20.28
CA ILE A 451 -37.77 -4.74 -20.34
C ILE A 451 -38.65 -5.83 -19.73
N ALA A 452 -39.31 -5.51 -18.61
CA ALA A 452 -40.11 -6.52 -17.92
C ALA A 452 -41.21 -7.09 -18.80
N SER A 453 -41.62 -6.37 -19.83
CA SER A 453 -42.73 -6.83 -20.67
C SER A 453 -42.29 -7.78 -21.76
N LEU A 454 -40.99 -7.94 -21.98
CA LEU A 454 -40.51 -8.77 -23.08
C LEU A 454 -40.72 -10.25 -22.77
N ASN A 455 -40.57 -11.07 -23.81
CA ASN A 455 -40.78 -12.49 -23.68
C ASN A 455 -39.63 -13.12 -22.89
N PRO A 456 -39.82 -14.32 -22.35
CA PRO A 456 -38.74 -14.98 -21.60
C PRO A 456 -37.62 -15.42 -22.54
N SER A 457 -36.65 -16.10 -21.94
CA SER A 457 -35.47 -16.52 -22.69
C SER A 457 -35.87 -17.45 -23.83
N GLY A 458 -35.16 -17.34 -24.94
CA GLY A 458 -35.41 -18.20 -26.09
C GLY A 458 -34.08 -18.60 -26.72
N ASP A 459 -34.12 -19.73 -27.44
CA ASP A 459 -32.93 -20.28 -28.07
C ASP A 459 -32.68 -19.54 -29.38
N LYS A 460 -31.95 -18.44 -29.27
CA LYS A 460 -31.57 -17.63 -30.43
C LYS A 460 -30.20 -17.01 -30.17
N LEU A 461 -29.60 -16.50 -31.23
CA LEU A 461 -28.25 -15.96 -31.15
C LEU A 461 -28.19 -14.53 -30.65
N THR A 462 -29.34 -13.92 -30.36
CA THR A 462 -29.40 -12.57 -29.81
C THR A 462 -30.09 -12.62 -28.46
N LYS A 463 -29.44 -12.08 -27.43
CA LYS A 463 -30.00 -12.10 -26.09
C LYS A 463 -29.57 -10.83 -25.35
N LEU A 464 -30.28 -10.54 -24.26
CA LEU A 464 -29.97 -9.43 -23.38
C LEU A 464 -29.89 -9.95 -21.95
N PHE A 465 -29.06 -9.30 -21.14
CA PHE A 465 -28.79 -9.73 -19.78
C PHE A 465 -28.93 -8.55 -18.81
N TRP A 466 -29.31 -8.87 -17.58
CA TRP A 466 -29.37 -7.87 -16.52
C TRP A 466 -29.33 -8.59 -15.19
N PHE A 467 -28.56 -8.05 -14.25
CA PHE A 467 -28.29 -8.70 -12.99
C PHE A 467 -29.18 -8.17 -11.89
N GLU A 468 -29.12 -8.83 -10.74
CA GLU A 468 -29.61 -8.31 -9.48
C GLU A 468 -28.90 -9.04 -8.35
N SER A 469 -28.37 -8.29 -7.39
CA SER A 469 -27.58 -8.87 -6.33
C SER A 469 -27.88 -8.13 -5.04
N LEU A 470 -27.68 -8.75 -3.92
CA LEU A 470 -27.84 -8.29 -2.59
C LEU A 470 -26.68 -8.64 -1.71
N THR A 471 -26.17 -7.75 -0.92
CA THR A 471 -25.11 -7.85 -0.01
C THR A 471 -25.39 -7.16 1.29
N TYR A 472 -24.73 -7.59 2.37
CA TYR A 472 -24.93 -7.03 3.70
C TYR A 472 -24.74 -5.51 3.71
N ARG A 473 -23.60 -5.02 3.20
CA ARG A 473 -23.30 -3.59 3.17
C ARG A 473 -24.30 -2.79 2.35
N SER A 474 -24.76 -3.33 1.22
CA SER A 474 -25.74 -2.74 0.37
C SER A 474 -27.03 -2.52 1.08
N LEU A 475 -27.54 -3.51 1.74
CA LEU A 475 -28.70 -3.51 2.53
C LEU A 475 -28.61 -2.48 3.64
N GLN A 476 -27.46 -2.43 4.29
CA GLN A 476 -27.23 -1.49 5.39
C GLN A 476 -27.26 -0.04 4.89
N LYS A 477 -26.63 0.24 3.75
CA LYS A 477 -26.68 1.55 3.09
C LYS A 477 -28.09 1.94 2.64
N LEU A 478 -28.92 0.99 2.23
CA LEU A 478 -30.29 1.15 1.92
C LEU A 478 -31.08 1.57 3.14
N CYS A 479 -30.93 0.88 4.21
CA CYS A 479 -31.65 1.02 5.42
C CYS A 479 -31.36 2.32 6.12
N PHE A 480 -30.07 2.62 6.30
CA PHE A 480 -29.59 3.76 7.09
C PHE A 480 -28.79 4.77 6.26
N GLY A 481 -29.03 4.86 4.94
CA GLY A 481 -28.34 5.69 4.10
C GLY A 481 -28.69 7.12 4.15
N PHE A 482 -27.92 7.95 4.79
CA PHE A 482 -28.07 9.36 4.79
C PHE A 482 -29.44 9.79 5.23
N THR A 483 -29.97 9.15 6.27
CA THR A 483 -31.33 9.36 6.77
C THR A 483 -31.56 10.77 7.30
N GLU A 484 -30.48 11.50 7.63
CA GLU A 484 -30.50 12.77 8.25
C GLU A 484 -31.25 13.79 7.45
N ASN A 485 -31.05 13.85 6.17
CA ASN A 485 -31.61 14.73 5.23
C ASN A 485 -33.04 14.41 4.84
N GLY A 486 -33.54 13.28 5.17
CA GLY A 486 -34.77 12.81 4.78
C GLY A 486 -34.99 12.45 3.37
N ASN A 487 -33.96 12.32 2.60
CA ASN A 487 -33.92 12.03 1.23
C ASN A 487 -34.10 10.57 0.89
N ASN A 488 -33.89 9.68 1.81
CA ASN A 488 -33.96 8.27 1.73
C ASN A 488 -35.40 7.82 1.75
N LYS A 489 -36.06 7.71 0.65
CA LYS A 489 -37.39 7.24 0.51
C LYS A 489 -37.57 5.89 1.14
N PHE A 490 -36.68 4.98 0.90
CA PHE A 490 -36.65 3.66 1.40
C PHE A 490 -36.73 3.64 2.91
N ASN A 491 -35.92 4.45 3.58
CA ASN A 491 -35.88 4.49 5.05
C ASN A 491 -37.23 4.92 5.62
N LYS A 492 -38.00 5.73 4.89
CA LYS A 492 -39.28 6.19 5.26
C LYS A 492 -40.26 5.06 5.44
N ASN A 493 -40.33 4.17 4.51
CA ASN A 493 -41.23 3.09 4.42
C ASN A 493 -41.13 2.16 5.60
N ILE A 494 -39.96 1.78 6.00
CA ILE A 494 -39.61 0.86 7.02
C ILE A 494 -39.67 1.41 8.41
N GLN A 495 -40.09 2.67 8.59
CA GLN A 495 -39.91 3.40 9.84
C GLN A 495 -40.56 2.70 11.05
N ASN A 496 -41.72 2.08 10.88
CA ASN A 496 -42.48 1.45 11.88
C ASN A 496 -41.80 0.27 12.52
N LEU A 497 -40.88 -0.36 11.89
CA LEU A 497 -40.16 -1.51 12.29
C LEU A 497 -39.09 -1.24 13.33
N LEU A 498 -38.57 -0.02 13.38
CA LEU A 498 -37.41 0.31 14.22
C LEU A 498 -37.75 0.22 15.71
N PRO A 499 -36.74 -0.03 16.58
CA PRO A 499 -36.93 0.04 18.03
C PRO A 499 -37.22 1.47 18.48
N LYS A 500 -37.80 1.59 19.68
CA LYS A 500 -38.23 2.87 20.27
C LYS A 500 -37.61 3.11 21.63
N ASP A 501 -37.34 4.37 21.90
CA ASP A 501 -36.96 4.89 23.21
C ASP A 501 -38.13 4.76 24.22
N ASN A 502 -37.84 4.95 25.52
CA ASN A 502 -38.73 5.04 26.62
C ASN A 502 -39.80 6.07 26.38
N SER A 503 -39.47 7.18 25.79
CA SER A 503 -40.30 8.22 25.36
C SER A 503 -41.18 7.87 24.18
N ARG A 504 -41.07 6.71 23.62
CA ARG A 504 -41.72 6.22 22.47
C ARG A 504 -41.13 6.73 21.17
N LYS A 505 -40.12 7.60 21.22
CA LYS A 505 -39.44 8.15 20.04
C LYS A 505 -38.76 7.04 19.24
N ILE A 506 -38.94 7.03 17.93
CA ILE A 506 -38.24 6.11 17.04
C ILE A 506 -36.78 6.57 16.86
N ILE A 507 -35.83 5.68 17.12
CA ILE A 507 -34.40 5.99 17.02
C ILE A 507 -33.91 5.58 15.62
N ASN A 508 -33.91 6.51 14.67
CA ASN A 508 -33.65 6.19 13.25
C ASN A 508 -32.14 6.07 12.92
N GLY A 509 -31.42 5.17 13.58
CA GLY A 509 -30.00 4.91 13.35
C GLY A 509 -29.46 3.66 14.07
N GLU A 510 -28.43 3.04 13.51
CA GLU A 510 -27.92 1.73 13.93
C GLU A 510 -27.61 1.63 15.42
N PHE A 511 -27.12 2.72 16.01
CA PHE A 511 -26.73 2.79 17.42
C PHE A 511 -27.87 2.41 18.37
N ALA A 512 -29.13 2.46 17.94
CA ALA A 512 -30.26 1.98 18.73
C ALA A 512 -30.11 0.54 19.22
N PHE A 513 -29.38 -0.32 18.48
CA PHE A 513 -29.18 -1.72 18.85
C PHE A 513 -28.05 -1.95 19.86
N GLN A 514 -27.23 -0.94 20.17
CA GLN A 514 -26.16 -1.02 21.19
C GLN A 514 -25.20 -2.22 21.02
N GLY A 515 -24.95 -2.66 19.78
CA GLY A 515 -24.04 -3.75 19.46
C GLY A 515 -24.59 -5.18 19.61
N ASP A 516 -25.86 -5.36 20.00
CA ASP A 516 -26.44 -6.71 20.13
C ASP A 516 -26.73 -7.36 18.77
N GLU A 517 -25.92 -8.33 18.36
CA GLU A 517 -26.01 -9.06 17.16
C GLU A 517 -27.36 -9.71 17.02
N GLN A 518 -27.85 -10.31 18.04
CA GLN A 518 -29.11 -10.96 18.13
C GLN A 518 -30.24 -10.05 17.76
N LYS A 519 -30.12 -8.74 18.03
CA LYS A 519 -31.12 -7.73 17.66
C LYS A 519 -31.00 -7.41 16.17
N LYS A 520 -29.78 -7.11 15.69
CA LYS A 520 -29.54 -6.76 14.28
C LYS A 520 -30.04 -7.85 13.33
N ILE A 521 -29.86 -9.12 13.69
CA ILE A 521 -30.23 -10.28 12.97
C ILE A 521 -31.71 -10.32 12.76
N LYS A 522 -32.47 -10.23 13.81
CA LYS A 522 -33.87 -10.21 13.84
C LYS A 522 -34.45 -9.05 13.06
N PHE A 523 -33.84 -7.88 13.22
CA PHE A 523 -34.23 -6.71 12.47
C PHE A 523 -34.11 -6.95 10.97
N TYR A 524 -32.94 -7.32 10.44
CA TYR A 524 -32.85 -7.57 9.00
C TYR A 524 -33.76 -8.71 8.53
N GLN A 525 -34.01 -9.73 9.35
CA GLN A 525 -34.92 -10.77 9.08
C GLN A 525 -36.29 -10.23 8.80
N SER A 526 -36.81 -9.42 9.67
CA SER A 526 -38.03 -8.72 9.57
C SER A 526 -38.08 -7.87 8.34
N VAL A 527 -37.07 -7.11 8.08
CA VAL A 527 -36.92 -6.24 6.96
C VAL A 527 -37.14 -6.98 5.68
N LEU A 528 -36.44 -8.06 5.49
CA LEU A 528 -36.59 -8.94 4.41
C LEU A 528 -37.99 -9.48 4.28
N GLU A 529 -38.59 -9.89 5.35
CA GLU A 529 -39.91 -10.34 5.46
C GLU A 529 -40.91 -9.27 5.09
N SER A 530 -40.56 -8.03 5.22
CA SER A 530 -41.34 -6.89 4.95
C SER A 530 -41.91 -6.93 3.56
N LYS A 531 -43.22 -6.71 3.42
CA LYS A 531 -43.83 -6.76 2.09
C LYS A 531 -43.30 -5.66 1.19
N TYR A 532 -43.14 -4.46 1.63
CA TYR A 532 -42.69 -3.34 0.90
C TYR A 532 -41.36 -3.60 0.25
N ALA A 533 -40.41 -4.09 0.97
CA ALA A 533 -39.10 -4.40 0.54
C ALA A 533 -39.11 -5.31 -0.66
N GLN A 534 -39.89 -6.38 -0.55
CA GLN A 534 -39.97 -7.35 -1.64
C GLN A 534 -40.45 -6.73 -2.94
N SER A 535 -41.16 -5.61 -2.87
CA SER A 535 -41.58 -4.93 -4.10
C SER A 535 -40.41 -4.30 -4.82
N VAL A 536 -39.48 -3.71 -4.08
CA VAL A 536 -38.36 -3.01 -4.71
C VAL A 536 -37.25 -3.98 -5.07
N LEU A 537 -37.07 -5.04 -4.29
CA LEU A 537 -36.01 -6.00 -4.50
C LEU A 537 -36.57 -7.29 -5.09
N ASN A 538 -35.92 -7.80 -6.13
CA ASN A 538 -36.23 -9.11 -6.70
C ASN A 538 -35.23 -10.11 -6.14
N ILE A 539 -35.73 -11.12 -5.45
CA ILE A 539 -34.89 -12.09 -4.75
C ILE A 539 -35.52 -13.46 -4.84
N PRO A 540 -34.74 -14.51 -4.62
CA PRO A 540 -35.31 -15.86 -4.59
C PRO A 540 -36.16 -16.08 -3.34
N ILE A 541 -37.40 -15.58 -3.38
CA ILE A 541 -38.26 -15.62 -2.20
C ILE A 541 -38.43 -17.05 -1.70
N GLN A 542 -38.61 -17.99 -2.62
CA GLN A 542 -38.86 -19.37 -2.20
C GLN A 542 -37.72 -19.90 -1.34
N GLN A 543 -36.49 -19.81 -1.84
CA GLN A 543 -35.35 -20.31 -1.08
C GLN A 543 -35.13 -19.49 0.19
N VAL A 544 -35.10 -18.16 0.05
CA VAL A 544 -34.74 -17.31 1.19
C VAL A 544 -35.72 -17.50 2.34
N GLN A 545 -37.00 -17.70 2.02
CA GLN A 545 -38.02 -17.81 3.06
C GLN A 545 -37.62 -18.83 4.11
N ALA A 546 -37.03 -19.94 3.67
CA ALA A 546 -36.61 -20.98 4.61
C ALA A 546 -35.15 -20.82 5.02
N ASP A 547 -34.30 -20.35 4.11
CA ASP A 547 -32.87 -20.36 4.36
C ASP A 547 -32.40 -19.19 5.22
N ILE A 548 -33.08 -18.10 5.31
CA ILE A 548 -32.75 -16.89 5.96
C ILE A 548 -33.74 -16.47 7.00
N ILE A 549 -34.95 -16.22 6.60
CA ILE A 549 -36.03 -15.77 7.39
C ILE A 549 -36.29 -16.70 8.54
N ASN A 550 -36.65 -17.93 8.20
CA ASN A 550 -36.99 -18.95 9.19
C ASN A 550 -35.76 -19.71 9.69
N GLN A 551 -34.81 -19.02 10.32
CA GLN A 551 -33.58 -19.65 10.75
C GLN A 551 -32.97 -18.84 11.90
N SER A 552 -31.94 -19.41 12.51
CA SER A 552 -31.18 -18.76 13.56
C SER A 552 -29.69 -18.93 13.27
N PHE A 553 -28.87 -18.09 13.78
CA PHE A 553 -27.47 -17.98 13.60
C PHE A 553 -26.71 -17.72 14.86
N ALA A 554 -25.50 -18.26 14.96
CA ALA A 554 -24.70 -18.07 16.16
C ALA A 554 -24.14 -16.66 16.24
N SER A 555 -23.66 -16.12 15.11
CA SER A 555 -23.03 -14.81 15.10
C SER A 555 -23.33 -14.11 13.79
N LEU A 556 -23.13 -12.84 13.74
CA LEU A 556 -23.31 -11.99 12.62
C LEU A 556 -22.63 -12.51 11.39
N ASP A 557 -21.49 -13.11 11.52
CA ASP A 557 -20.69 -13.65 10.50
C ASP A 557 -21.44 -14.65 9.67
N ASP A 558 -22.11 -15.58 10.35
CA ASP A 558 -22.84 -16.64 9.65
C ASP A 558 -23.95 -16.05 8.80
N PHE A 559 -24.74 -15.15 9.30
CA PHE A 559 -25.77 -14.46 8.63
C PHE A 559 -25.26 -13.74 7.41
N GLN A 560 -24.22 -12.98 7.55
CA GLN A 560 -23.52 -12.29 6.54
C GLN A 560 -23.16 -13.20 5.40
N ILE A 561 -22.50 -14.28 5.70
CA ILE A 561 -22.02 -15.26 4.82
C ILE A 561 -23.14 -15.86 4.01
N ALA A 562 -24.17 -16.29 4.67
CA ALA A 562 -25.32 -16.89 4.10
C ALA A 562 -26.00 -15.97 3.11
N LEU A 563 -26.26 -14.77 3.49
CA LEU A 563 -26.86 -13.74 2.71
C LEU A 563 -26.08 -13.50 1.44
N GLU A 564 -24.81 -13.30 1.55
CA GLU A 564 -23.90 -13.13 0.49
C GLU A 564 -23.90 -14.32 -0.44
N LYS A 565 -24.07 -15.49 0.08
CA LYS A 565 -24.06 -16.73 -0.59
C LYS A 565 -25.24 -16.91 -1.51
N ILE A 566 -26.42 -16.64 -0.98
CA ILE A 566 -27.64 -17.02 -1.68
C ILE A 566 -28.10 -15.95 -2.68
N CYS A 567 -28.16 -14.71 -2.33
CA CYS A 567 -28.70 -13.61 -3.05
C CYS A 567 -27.87 -13.27 -4.27
N TYR A 568 -28.07 -14.02 -5.35
CA TYR A 568 -27.42 -13.75 -6.62
C TYR A 568 -28.25 -14.37 -7.73
N ARG A 569 -28.67 -13.56 -8.69
CA ARG A 569 -29.59 -14.01 -9.73
C ARG A 569 -29.21 -13.39 -11.07
N LEU A 570 -29.59 -14.07 -12.15
CA LEU A 570 -29.30 -13.64 -13.50
C LEU A 570 -30.50 -13.91 -14.37
N PHE A 571 -30.84 -12.95 -15.24
CA PHE A 571 -32.02 -13.04 -16.09
C PHE A 571 -31.64 -12.75 -17.54
N ALA A 572 -32.49 -13.21 -18.46
CA ALA A 572 -32.26 -13.00 -19.87
C ALA A 572 -33.59 -12.89 -20.60
N VAL A 573 -33.57 -12.19 -21.74
CA VAL A 573 -34.73 -12.05 -22.61
C VAL A 573 -34.26 -12.00 -24.05
N VAL A 574 -35.19 -12.20 -24.97
CA VAL A 574 -34.89 -12.25 -26.40
C VAL A 574 -35.96 -11.50 -27.17
N GLU A 575 -35.54 -10.71 -28.16
CA GLU A 575 -36.47 -10.01 -29.03
C GLU A 575 -35.69 -9.43 -30.20
N ALA A 576 -36.39 -9.27 -31.32
CA ALA A 576 -35.76 -8.75 -32.53
C ALA A 576 -35.50 -7.26 -32.41
N ASN A 577 -34.42 -6.82 -33.06
CA ASN A 577 -34.09 -5.39 -33.18
C ASN A 577 -33.88 -4.73 -31.83
N ILE A 578 -33.48 -5.48 -30.81
CA ILE A 578 -33.24 -4.89 -29.50
C ILE A 578 -32.17 -3.81 -29.60
N GLU A 579 -31.10 -4.11 -30.33
CA GLU A 579 -30.01 -3.14 -30.46
C GLU A 579 -30.51 -1.81 -31.00
N ALA A 580 -31.27 -1.85 -32.09
CA ALA A 580 -31.78 -0.61 -32.67
C ALA A 580 -32.74 0.09 -31.71
N GLU A 581 -33.65 -0.68 -31.09
CA GLU A 581 -34.68 -0.08 -30.27
C GLU A 581 -34.09 0.63 -29.05
N LEU A 582 -33.10 0.02 -28.41
CA LEU A 582 -32.53 0.63 -27.21
C LEU A 582 -31.94 1.99 -27.53
N LEU A 583 -31.11 2.07 -28.57
CA LEU A 583 -30.54 3.36 -28.96
C LEU A 583 -31.62 4.32 -29.40
N LYS A 584 -32.64 3.83 -30.11
CA LYS A 584 -33.68 4.72 -30.60
C LYS A 584 -34.44 5.37 -29.46
N ASN A 585 -34.73 4.62 -28.40
CA ASN A 585 -35.69 5.07 -27.40
C ASN A 585 -35.04 5.63 -26.14
N ASP A 586 -33.92 5.05 -25.68
CA ASP A 586 -33.39 5.36 -24.36
C ASP A 586 -32.00 5.98 -24.41
N LYS A 587 -31.62 6.57 -25.54
CA LYS A 587 -30.31 7.22 -25.65
C LYS A 587 -29.19 6.27 -25.26
N ALA A 588 -29.39 4.98 -25.54
CA ALA A 588 -28.48 3.97 -25.05
C ALA A 588 -27.09 4.14 -25.63
N GLN A 589 -26.08 4.10 -24.76
CA GLN A 589 -24.70 4.07 -25.20
C GLN A 589 -24.28 2.63 -25.46
N ILE A 590 -23.39 2.44 -26.42
CA ILE A 590 -23.00 1.10 -26.87
C ILE A 590 -21.48 1.04 -26.98
N PHE A 591 -20.85 0.02 -26.50
CA PHE A 591 -19.49 -0.34 -26.57
C PHE A 591 -19.28 -1.76 -27.02
N ASN A 592 -18.29 -2.07 -27.79
CA ASN A 592 -17.84 -3.34 -28.18
C ASN A 592 -16.71 -3.83 -27.31
N ILE A 593 -16.84 -4.89 -26.59
CA ILE A 593 -15.85 -5.57 -25.85
C ILE A 593 -14.97 -6.35 -26.76
N THR A 594 -13.69 -6.14 -26.80
CA THR A 594 -12.73 -6.71 -27.66
C THR A 594 -11.43 -7.01 -26.97
N SER A 595 -10.65 -7.91 -27.47
CA SER A 595 -9.36 -8.31 -27.05
C SER A 595 -8.54 -8.87 -28.15
N SER A 596 -7.25 -8.91 -28.03
CA SER A 596 -6.34 -9.50 -28.92
C SER A 596 -6.68 -10.94 -29.21
N ASP A 597 -7.10 -11.67 -28.23
CA ASP A 597 -7.44 -13.04 -28.21
C ASP A 597 -8.85 -13.37 -28.59
N LEU A 598 -9.81 -12.65 -28.10
CA LEU A 598 -11.19 -12.84 -28.32
C LEU A 598 -11.54 -12.88 -29.79
N ARG A 599 -10.83 -12.20 -30.62
CA ARG A 599 -10.98 -12.10 -32.02
C ARG A 599 -10.60 -13.34 -32.78
N LYS A 600 -9.61 -14.05 -32.36
CA LYS A 600 -9.00 -15.18 -32.95
C LYS A 600 -9.72 -16.46 -32.64
N GLU A 601 -9.88 -17.37 -33.54
CA GLU A 601 -10.42 -18.66 -33.46
C GLU A 601 -9.47 -19.73 -33.01
N ALA A 602 -8.21 -19.47 -32.92
CA ALA A 602 -7.16 -20.30 -32.48
C ALA A 602 -7.31 -20.54 -30.99
N LYS A 603 -8.10 -21.54 -30.61
CA LYS A 603 -8.39 -21.78 -29.20
C LYS A 603 -7.30 -22.64 -28.57
N ASP A 604 -6.13 -22.70 -29.12
CA ASP A 604 -5.01 -23.42 -28.65
C ASP A 604 -4.68 -23.06 -27.22
N LYS A 605 -4.62 -21.81 -26.91
CA LYS A 605 -4.45 -21.24 -25.63
C LYS A 605 -4.96 -19.84 -25.53
N ILE A 606 -5.15 -19.32 -24.37
CA ILE A 606 -5.62 -18.03 -24.01
C ILE A 606 -5.03 -17.52 -22.73
N LYS A 607 -4.81 -16.27 -22.57
CA LYS A 607 -4.33 -15.62 -21.41
C LYS A 607 -5.13 -16.02 -20.20
N SER A 608 -4.57 -16.04 -19.04
CA SER A 608 -5.18 -16.38 -17.81
C SER A 608 -6.47 -15.66 -17.61
N HIS A 609 -6.48 -14.37 -17.72
CA HIS A 609 -7.58 -13.51 -17.55
C HIS A 609 -8.75 -13.93 -18.39
N THR A 610 -8.56 -14.10 -19.66
CA THR A 610 -9.51 -14.47 -20.62
C THR A 610 -10.27 -15.69 -20.21
N GLN A 611 -9.57 -16.64 -19.60
CA GLN A 611 -10.22 -17.88 -19.20
C GLN A 611 -11.33 -17.62 -18.20
N ILE A 612 -11.17 -16.78 -17.25
CA ILE A 612 -12.12 -16.39 -16.27
C ILE A 612 -13.38 -15.91 -16.92
N TRP A 613 -13.20 -14.90 -17.77
CA TRP A 613 -14.35 -14.26 -18.40
C TRP A 613 -15.15 -15.26 -19.21
N LYS A 614 -14.48 -16.08 -20.02
CA LYS A 614 -15.20 -17.08 -20.80
C LYS A 614 -15.90 -18.08 -19.88
N ALA A 615 -15.22 -18.51 -18.82
CA ALA A 615 -15.82 -19.49 -17.93
C ALA A 615 -17.09 -18.95 -17.29
N PHE A 616 -17.14 -17.64 -17.05
CA PHE A 616 -18.29 -17.07 -16.37
C PHE A 616 -19.59 -17.33 -17.14
N TRP A 617 -19.55 -17.18 -18.46
CA TRP A 617 -20.76 -17.28 -19.26
C TRP A 617 -21.13 -18.71 -19.60
N THR A 618 -20.32 -19.69 -19.23
CA THR A 618 -20.63 -21.08 -19.55
C THR A 618 -21.90 -21.51 -18.84
N SER A 619 -22.64 -22.43 -19.47
CA SER A 619 -23.91 -22.87 -18.90
C SER A 619 -23.72 -23.55 -17.55
N GLU A 620 -22.67 -24.37 -17.42
CA GLU A 620 -22.50 -25.15 -16.20
C GLU A 620 -22.34 -24.24 -14.98
N ASN A 621 -21.57 -23.15 -15.12
CA ASN A 621 -21.35 -22.27 -13.98
C ASN A 621 -22.66 -21.75 -13.41
N LYS A 622 -23.71 -21.70 -14.22
CA LYS A 622 -25.00 -21.24 -13.72
C LYS A 622 -25.56 -22.19 -12.67
N GLN A 623 -25.40 -23.50 -12.87
CA GLN A 623 -26.03 -24.47 -11.98
C GLN A 623 -25.45 -24.44 -10.57
N ASN A 624 -24.20 -24.00 -10.42
CA ASN A 624 -23.52 -24.09 -9.13
C ASN A 624 -23.66 -22.77 -8.37
N ASN A 625 -24.76 -22.07 -8.55
CA ASN A 625 -24.97 -20.77 -7.91
C ASN A 625 -23.84 -19.82 -8.28
N PHE A 626 -23.38 -19.91 -9.52
CA PHE A 626 -22.37 -19.00 -10.04
C PHE A 626 -21.10 -19.07 -9.21
N GLU A 627 -20.44 -20.23 -9.25
CA GLU A 627 -19.15 -20.37 -8.56
C GLU A 627 -18.24 -19.21 -8.90
N THR A 628 -18.32 -18.69 -10.12
CA THR A 628 -17.66 -17.47 -10.51
C THR A 628 -18.69 -16.35 -10.56
N ARG A 629 -18.39 -15.23 -9.93
CA ARG A 629 -19.33 -14.13 -9.78
C ARG A 629 -18.71 -12.85 -10.31
N LEU A 630 -19.57 -11.97 -10.83
CA LEU A 630 -19.16 -10.67 -11.34
C LEU A 630 -19.72 -9.58 -10.43
N ASN A 631 -18.87 -8.65 -10.03
CA ASN A 631 -19.29 -7.62 -9.09
C ASN A 631 -20.26 -6.66 -9.76
N PRO A 632 -21.05 -5.93 -8.95
CA PRO A 632 -22.12 -5.11 -9.49
C PRO A 632 -21.78 -3.74 -9.99
N GLU A 633 -20.59 -3.26 -9.88
CA GLU A 633 -20.11 -1.97 -10.18
C GLU A 633 -18.91 -1.96 -11.09
N ILE A 634 -18.80 -1.05 -12.01
CA ILE A 634 -17.84 -0.88 -13.04
C ILE A 634 -17.37 0.54 -13.17
N THR A 635 -16.26 0.78 -13.80
CA THR A 635 -15.62 2.01 -14.08
C THR A 635 -15.16 2.12 -15.51
N ILE A 636 -15.16 3.27 -16.11
CA ILE A 636 -14.74 3.63 -17.40
C ILE A 636 -13.63 4.64 -17.37
N THR A 637 -12.58 4.43 -18.17
CA THR A 637 -11.47 5.36 -18.26
C THR A 637 -11.11 5.68 -19.70
N TYR A 638 -10.48 6.83 -19.90
CA TYR A 638 -10.05 7.36 -21.19
C TYR A 638 -8.55 7.65 -21.17
N ARG A 639 -7.87 7.48 -22.31
CA ARG A 639 -6.41 7.61 -22.41
C ARG A 639 -6.01 8.29 -23.72
N GLN A 640 -5.26 9.38 -23.64
CA GLN A 640 -4.89 10.17 -24.81
C GLN A 640 -3.65 9.61 -25.50
N PRO A 641 -3.49 9.80 -26.81
CA PRO A 641 -2.31 9.33 -27.53
C PRO A 641 -1.07 10.13 -27.12
N LYS A 642 0.04 9.45 -26.80
CA LYS A 642 1.26 10.08 -26.26
C LYS A 642 2.13 10.80 -27.29
N GLN A 643 1.73 10.76 -28.56
CA GLN A 643 2.55 11.10 -29.73
C GLN A 643 3.37 12.40 -29.54
N SER A 644 4.71 12.25 -29.56
CA SER A 644 5.66 13.35 -29.34
C SER A 644 6.92 13.25 -30.22
N LYS A 645 7.09 12.19 -31.02
CA LYS A 645 8.20 12.05 -31.98
C LYS A 645 7.85 12.66 -33.34
N ILE A 646 8.84 13.18 -34.06
CA ILE A 646 8.70 13.67 -35.45
C ILE A 646 8.26 12.55 -36.43
N ASP A 647 7.75 12.93 -37.59
CA ASP A 647 7.22 12.01 -38.60
C ASP A 647 8.22 10.92 -38.99
N ARG A 652 8.18 7.29 -43.31
CA ARG A 652 8.08 8.20 -42.16
C ARG A 652 6.95 7.83 -41.19
N SER A 653 6.14 6.84 -41.52
CA SER A 653 4.87 6.52 -40.84
C SER A 653 5.02 5.87 -39.46
N GLN A 654 6.17 5.26 -39.15
CA GLN A 654 6.23 4.18 -38.17
C GLN A 654 5.20 3.08 -38.50
N LYS A 655 4.55 2.46 -37.51
CA LYS A 655 3.65 1.30 -37.66
C LYS A 655 2.40 1.50 -36.80
N ASN A 656 1.35 0.71 -37.00
CA ASN A 656 0.18 0.75 -36.12
C ASN A 656 0.46 0.05 -34.79
N ASN A 657 0.04 0.63 -33.67
CA ASN A 657 0.14 0.07 -32.33
C ASN A 657 -0.77 0.81 -31.34
N ARG A 658 -1.00 0.24 -30.15
CA ARG A 658 -1.54 0.99 -29.00
C ARG A 658 -0.69 2.22 -28.72
N TYR A 659 -1.19 3.17 -27.95
CA TYR A 659 -0.63 4.53 -27.79
C TYR A 659 -0.68 5.45 -29.03
N LEU A 660 -0.87 4.96 -30.26
CA LEU A 660 -0.96 5.84 -31.43
C LEU A 660 -2.31 6.58 -31.54
N HIS A 661 -3.36 6.09 -30.87
CA HIS A 661 -4.71 6.64 -30.90
C HIS A 661 -5.33 6.66 -29.51
N ALA A 662 -6.34 7.50 -29.29
CA ALA A 662 -7.09 7.45 -28.04
C ALA A 662 -7.78 6.09 -27.83
N GLN A 663 -8.00 5.69 -26.59
CA GLN A 663 -8.60 4.39 -26.25
C GLN A 663 -9.52 4.48 -25.03
N TYR A 664 -10.65 3.78 -25.06
CA TYR A 664 -11.54 3.61 -23.91
C TYR A 664 -11.23 2.29 -23.22
N THR A 665 -11.16 2.28 -21.89
CA THR A 665 -10.80 1.09 -21.10
C THR A 665 -11.80 0.84 -19.99
N LEU A 666 -12.13 -0.43 -19.73
CA LEU A 666 -13.06 -0.94 -18.81
C LEU A 666 -12.41 -1.54 -17.61
N ILE A 667 -12.90 -1.39 -16.43
CA ILE A 667 -12.47 -1.86 -15.17
C ILE A 667 -13.56 -2.59 -14.43
N THR A 668 -13.38 -3.79 -13.99
CA THR A 668 -14.27 -4.62 -13.29
C THR A 668 -13.59 -5.44 -12.22
N THR A 669 -14.30 -6.12 -11.40
CA THR A 669 -13.90 -7.02 -10.37
C THR A 669 -14.61 -8.34 -10.44
N ILE A 670 -13.96 -9.45 -10.38
CA ILE A 670 -14.41 -10.79 -10.46
C ILE A 670 -13.95 -11.61 -9.29
N SER A 671 -14.71 -12.63 -8.92
CA SER A 671 -14.36 -13.50 -7.80
C SER A 671 -14.43 -14.96 -8.23
N GLU A 672 -13.82 -15.84 -7.53
CA GLU A 672 -13.70 -17.22 -7.69
C GLU A 672 -14.03 -18.03 -6.46
N HIS A 673 -14.64 -19.21 -6.65
CA HIS A 673 -14.97 -20.08 -5.53
C HIS A 673 -15.80 -19.36 -4.48
N SER A 674 -16.76 -18.56 -4.92
CA SER A 674 -17.53 -17.74 -4.00
C SER A 674 -18.29 -18.57 -2.96
N ASN A 675 -18.54 -19.85 -3.23
CA ASN A 675 -19.36 -20.64 -2.33
C ASN A 675 -18.69 -20.91 -0.99
N SER A 676 -17.40 -20.62 -0.86
CA SER A 676 -16.63 -20.94 0.35
C SER A 676 -15.90 -19.69 0.82
N PRO A 677 -16.62 -18.71 1.36
CA PRO A 677 -15.97 -17.52 1.90
C PRO A 677 -15.31 -17.80 3.24
N THR A 678 -14.43 -16.89 3.64
CA THR A 678 -13.75 -16.99 4.92
C THR A 678 -13.35 -15.60 5.38
N LYS A 679 -13.36 -15.35 6.65
CA LYS A 679 -12.97 -14.16 7.31
C LYS A 679 -11.58 -13.77 6.86
N ILE A 680 -11.38 -12.70 6.14
CA ILE A 680 -10.16 -12.19 5.68
C ILE A 680 -9.42 -11.52 6.80
N LEU A 681 -8.21 -11.88 7.12
CA LEU A 681 -7.37 -11.33 8.09
C LEU A 681 -6.90 -9.95 7.70
N SER A 682 -6.63 -9.06 8.65
CA SER A 682 -6.10 -7.71 8.39
C SER A 682 -5.25 -7.25 9.57
N PHE A 683 -5.09 -5.95 9.81
CA PHE A 683 -4.44 -5.48 11.04
C PHE A 683 -5.29 -5.86 12.27
N MET A 684 -4.68 -6.56 13.23
CA MET A 684 -5.22 -7.10 14.41
C MET A 684 -4.25 -7.13 15.55
N SER A 685 -4.68 -7.32 16.75
CA SER A 685 -3.92 -7.58 17.91
C SER A 685 -3.09 -8.82 17.71
N ASP A 686 -1.87 -8.86 18.16
CA ASP A 686 -0.95 -9.93 18.00
C ASP A 686 -1.52 -11.24 18.47
N ASP A 687 -2.29 -11.20 19.56
CA ASP A 687 -2.83 -12.44 20.12
C ASP A 687 -3.76 -13.14 19.14
N GLU A 688 -4.72 -12.47 18.59
CA GLU A 688 -5.64 -12.94 17.62
C GLU A 688 -4.93 -13.47 16.41
N PHE A 689 -4.00 -12.74 15.89
CA PHE A 689 -3.17 -13.07 14.80
C PHE A 689 -2.51 -14.40 15.00
N LYS A 690 -1.81 -14.51 16.13
CA LYS A 690 -1.10 -15.74 16.45
C LYS A 690 -2.06 -16.91 16.54
N SER A 691 -3.16 -16.74 17.26
CA SER A 691 -4.10 -17.84 17.43
C SER A 691 -4.64 -18.31 16.09
N SER A 692 -5.08 -17.45 15.23
CA SER A 692 -5.62 -17.71 13.95
C SER A 692 -4.63 -18.44 13.08
N VAL A 693 -3.45 -17.85 12.95
CA VAL A 693 -2.45 -18.41 12.05
C VAL A 693 -2.04 -19.80 12.53
N ASP A 694 -1.88 -19.97 13.84
CA ASP A 694 -1.56 -21.29 14.37
C ASP A 694 -2.68 -22.28 14.08
N THR A 695 -3.92 -21.86 14.24
CA THR A 695 -5.05 -22.75 13.94
C THR A 695 -4.99 -23.20 12.49
N PHE A 696 -4.66 -22.28 11.57
CA PHE A 696 -4.59 -22.65 10.16
C PHE A 696 -3.52 -23.69 9.92
N ASN A 697 -2.36 -23.53 10.57
CA ASN A 697 -1.24 -24.43 10.31
C ASN A 697 -1.57 -25.86 10.71
N LYS A 698 -2.38 -26.04 11.74
CA LYS A 698 -2.64 -27.39 12.25
C LYS A 698 -3.40 -28.24 11.24
N LYS A 699 -3.91 -27.60 10.18
CA LYS A 699 -4.54 -28.36 9.11
C LYS A 699 -3.59 -29.39 8.52
N PHE A 700 -2.30 -29.07 8.47
CA PHE A 700 -1.31 -30.03 7.99
C PHE A 700 -1.00 -31.06 9.07
N LYS A 701 -0.19 -32.06 8.70
CA LYS A 701 0.31 -33.06 9.63
C LYS A 701 1.77 -33.35 9.32
N LYS A 702 2.50 -33.82 10.33
CA LYS A 702 3.93 -33.98 10.20
C LYS A 702 4.32 -34.92 9.07
N ASP A 703 3.55 -35.98 8.86
CA ASP A 703 3.93 -37.03 7.92
C ASP A 703 3.45 -36.78 6.50
N GLU A 704 2.81 -35.63 6.23
CA GLU A 704 2.31 -35.37 4.89
C GLU A 704 3.33 -34.60 4.04
N ILE A 705 4.35 -34.03 4.57
CA ILE A 705 5.36 -33.29 3.94
C ILE A 705 6.33 -34.22 3.27
N LYS A 706 6.37 -34.36 1.99
CA LYS A 706 7.17 -35.20 1.19
C LYS A 706 8.46 -34.61 0.71
N PHE A 707 8.58 -33.32 0.62
CA PHE A 707 9.62 -32.59 0.04
C PHE A 707 9.66 -31.14 0.45
N ALA A 708 10.78 -30.49 0.24
CA ALA A 708 10.95 -29.08 0.50
C ALA A 708 11.90 -28.41 -0.49
N PHE A 709 11.66 -27.13 -0.78
CA PHE A 709 12.48 -26.28 -1.63
C PHE A 709 13.16 -25.20 -0.79
N GLY A 710 14.44 -24.94 -1.03
CA GLY A 710 15.15 -23.80 -0.46
C GLY A 710 15.37 -22.70 -1.48
N ILE A 711 15.03 -21.46 -1.14
CA ILE A 711 15.42 -20.26 -1.89
C ILE A 711 16.54 -19.57 -1.13
N ASP A 712 17.67 -19.36 -1.77
CA ASP A 712 18.86 -18.72 -1.20
C ASP A 712 18.70 -17.19 -1.01
N ASN A 713 19.66 -16.54 -0.33
CA ASN A 713 19.74 -15.09 -0.17
C ASN A 713 21.07 -14.55 -0.72
N GLY A 714 21.06 -13.36 -1.33
CA GLY A 714 22.23 -12.80 -1.99
C GLY A 714 22.09 -11.33 -2.38
N GLU A 715 22.84 -10.89 -3.39
CA GLU A 715 22.82 -9.50 -3.88
C GLU A 715 21.72 -9.27 -4.95
N VAL A 716 21.68 -8.09 -5.59
CA VAL A 716 20.61 -7.59 -6.46
C VAL A 716 20.13 -8.48 -7.60
N GLU A 717 20.89 -9.49 -8.02
CA GLU A 717 20.53 -10.29 -9.19
C GLU A 717 19.67 -11.51 -8.89
N LEU A 718 19.29 -11.75 -7.62
CA LEU A 718 18.64 -12.99 -7.14
C LEU A 718 19.61 -14.21 -7.20
N SER A 719 19.26 -15.37 -6.63
CA SER A 719 20.22 -16.49 -6.49
C SER A 719 19.57 -17.88 -6.42
N THR A 720 20.36 -18.92 -6.15
CA THR A 720 20.05 -20.32 -6.46
C THR A 720 18.86 -20.94 -5.72
N LEU A 721 18.33 -22.02 -6.29
CA LEU A 721 17.19 -22.82 -5.83
C LEU A 721 17.57 -24.30 -5.78
N GLY A 722 17.05 -25.07 -4.83
CA GLY A 722 17.28 -26.52 -4.76
C GLY A 722 16.30 -27.28 -3.88
N VAL A 723 16.18 -28.59 -4.11
CA VAL A 723 15.25 -29.47 -3.38
C VAL A 723 15.92 -30.25 -2.25
N TYR A 724 15.11 -30.81 -1.35
CA TYR A 724 15.55 -31.74 -0.31
C TYR A 724 14.51 -32.84 -0.07
N PHE A 725 14.95 -34.02 0.35
CA PHE A 725 14.20 -35.20 0.59
C PHE A 725 14.39 -35.77 1.96
N PRO A 726 13.35 -36.31 2.61
CA PRO A 726 13.55 -36.99 3.88
C PRO A 726 14.53 -38.14 3.85
N ALA A 727 14.55 -38.91 2.82
CA ALA A 727 15.32 -40.08 2.64
C ALA A 727 16.79 -39.84 2.82
N PHE A 728 17.29 -38.68 2.54
CA PHE A 728 18.64 -38.29 2.64
C PHE A 728 19.22 -38.45 4.01
N ASP A 729 18.44 -38.47 5.05
CA ASP A 729 18.78 -38.57 6.41
C ASP A 729 19.17 -39.98 6.81
N LYS A 730 20.24 -40.50 6.30
CA LYS A 730 20.83 -41.74 6.59
C LYS A 730 21.67 -41.70 7.84
N THR A 731 22.28 -42.84 8.18
CA THR A 731 23.02 -42.95 9.43
C THR A 731 24.52 -42.69 9.27
N THR A 732 25.09 -42.98 8.10
CA THR A 732 26.54 -42.89 7.93
C THR A 732 26.86 -42.06 6.69
N TYR A 733 28.07 -41.52 6.67
CA TYR A 733 28.51 -40.74 5.53
C TYR A 733 28.44 -41.56 4.25
N LYS A 734 28.90 -42.80 4.29
CA LYS A 734 28.89 -43.65 3.10
C LYS A 734 27.48 -43.80 2.57
N GLU A 735 26.53 -44.13 3.46
CA GLU A 735 25.15 -44.30 3.02
C GLU A 735 24.59 -43.00 2.46
N LYS A 736 24.84 -41.88 3.06
CA LYS A 736 24.43 -40.59 2.64
C LYS A 736 24.87 -40.30 1.24
N VAL A 737 26.19 -40.41 1.03
CA VAL A 737 26.75 -40.08 -0.28
C VAL A 737 26.24 -41.04 -1.34
N ALA A 738 26.11 -42.32 -0.99
CA ALA A 738 25.55 -43.27 -1.96
C ALA A 738 24.13 -42.90 -2.33
N GLU A 739 23.29 -42.53 -1.41
CA GLU A 739 21.95 -42.12 -1.59
C GLU A 739 21.85 -40.93 -2.51
N LEU A 740 22.60 -39.91 -2.26
CA LEU A 740 22.64 -38.70 -2.99
C LEU A 740 22.96 -38.92 -4.44
N GLU A 741 23.71 -39.92 -4.78
CA GLU A 741 24.14 -40.29 -6.06
C GLU A 741 23.05 -40.87 -6.94
N LYS A 742 21.84 -40.98 -6.49
CA LYS A 742 20.68 -41.45 -7.13
C LYS A 742 19.95 -40.35 -7.87
N VAL A 743 20.60 -39.30 -8.24
CA VAL A 743 20.08 -38.15 -8.88
C VAL A 743 19.07 -38.52 -9.94
N ASN A 744 19.32 -39.55 -10.68
CA ASN A 744 18.50 -40.07 -11.71
C ASN A 744 17.09 -40.30 -11.24
N ASP A 745 16.89 -40.61 -10.02
CA ASP A 745 15.66 -40.86 -9.36
C ASP A 745 14.96 -39.59 -8.94
N TYR A 746 15.58 -38.82 -8.11
CA TYR A 746 15.08 -37.67 -7.44
C TYR A 746 15.16 -36.40 -8.24
N GLY A 747 15.88 -36.35 -9.30
CA GLY A 747 16.09 -35.25 -10.08
C GLY A 747 14.98 -34.80 -10.94
N PHE A 748 15.16 -33.68 -11.63
CA PHE A 748 14.20 -33.12 -12.57
C PHE A 748 14.91 -32.60 -13.82
N GLU A 749 14.23 -32.65 -14.96
CA GLU A 749 14.68 -32.35 -16.27
C GLU A 749 14.85 -30.87 -16.51
N VAL A 750 15.81 -30.44 -17.27
CA VAL A 750 16.14 -29.14 -17.69
C VAL A 750 16.79 -29.11 -19.05
N LEU A 751 16.81 -28.01 -19.72
CA LEU A 751 17.36 -27.72 -20.98
C LEU A 751 18.38 -26.62 -20.96
N THR A 752 19.40 -26.66 -21.75
CA THR A 752 20.47 -25.75 -21.92
C THR A 752 20.75 -25.44 -23.36
N ILE A 753 20.99 -24.23 -23.74
CA ILE A 753 21.33 -23.77 -25.04
C ILE A 753 22.80 -24.00 -25.30
N ARG A 754 23.19 -24.81 -26.23
CA ARG A 754 24.53 -25.14 -26.55
C ARG A 754 25.33 -23.94 -26.99
N ASN A 755 24.85 -23.17 -27.90
CA ASN A 755 25.43 -22.05 -28.56
C ASN A 755 24.56 -20.84 -28.49
N LEU A 756 24.94 -19.81 -27.72
CA LEU A 756 24.18 -18.56 -27.58
C LEU A 756 24.13 -17.75 -28.88
N ASN A 757 25.08 -17.95 -29.78
CA ASN A 757 25.31 -17.14 -30.96
C ASN A 757 24.70 -17.73 -32.25
N TYR A 758 23.97 -18.85 -32.19
CA TYR A 758 23.25 -19.42 -33.25
C TYR A 758 22.26 -18.45 -33.85
N LYS A 759 22.01 -18.47 -35.11
CA LYS A 759 21.15 -17.63 -35.85
C LYS A 759 20.69 -18.22 -37.15
N GLU A 760 19.65 -17.73 -37.74
CA GLU A 760 19.08 -18.06 -38.99
C GLU A 760 18.31 -16.93 -39.61
N THR A 761 17.94 -17.04 -40.85
CA THR A 761 17.21 -16.14 -41.67
C THR A 761 15.85 -16.65 -42.04
N ASP A 762 14.84 -15.84 -42.11
CA ASP A 762 13.50 -16.11 -42.45
C ASP A 762 13.23 -15.96 -43.92
N TYR A 763 12.08 -16.29 -44.40
CA TYR A 763 11.58 -16.07 -45.71
C TYR A 763 11.55 -14.62 -46.10
N ASN A 764 11.46 -13.72 -45.18
CA ASN A 764 11.50 -12.32 -45.31
C ASN A 764 12.87 -11.74 -45.50
N GLY A 765 13.91 -12.56 -45.33
CA GLY A 765 15.27 -12.08 -45.39
C GLY A 765 15.73 -11.36 -44.15
N LYS A 766 15.23 -11.65 -43.00
CA LYS A 766 15.47 -11.10 -41.72
C LYS A 766 16.16 -12.06 -40.80
N GLU A 767 17.17 -11.69 -40.09
CA GLU A 767 17.90 -12.45 -39.15
C GLU A 767 17.10 -12.73 -37.91
N ARG A 768 17.19 -13.88 -37.33
CA ARG A 768 16.71 -14.31 -36.07
C ARG A 768 17.82 -14.81 -35.19
N LYS A 769 17.92 -14.33 -33.96
CA LYS A 769 18.91 -14.81 -32.99
C LYS A 769 18.20 -15.61 -31.91
N ILE A 770 18.69 -16.79 -31.61
CA ILE A 770 18.19 -17.69 -30.64
C ILE A 770 18.11 -17.03 -29.29
N ILE A 771 19.17 -16.30 -28.90
CA ILE A 771 19.25 -15.65 -27.59
C ILE A 771 18.29 -14.48 -27.43
N GLN A 772 17.76 -13.93 -28.53
CA GLN A 772 16.73 -12.90 -28.47
C GLN A 772 15.38 -13.48 -28.03
N ASN A 773 14.99 -14.68 -28.48
CA ASN A 773 13.76 -15.31 -28.21
C ASN A 773 13.74 -16.78 -28.51
N PRO A 774 14.07 -17.68 -27.58
CA PRO A 774 14.06 -19.10 -27.88
C PRO A 774 12.78 -19.65 -28.41
N SER A 775 11.66 -19.11 -28.05
CA SER A 775 10.36 -19.55 -28.38
C SER A 775 10.21 -19.87 -29.83
N TYR A 776 10.72 -19.01 -30.73
CA TYR A 776 10.58 -19.18 -32.18
C TYR A 776 11.30 -20.43 -32.69
N PHE A 777 12.19 -21.00 -31.89
CA PHE A 777 12.95 -22.17 -32.16
C PHE A 777 12.42 -23.45 -31.56
N LEU A 778 12.09 -23.47 -30.32
CA LEU A 778 11.70 -24.58 -29.55
C LEU A 778 10.38 -25.16 -30.00
N LYS A 779 9.38 -24.35 -30.17
CA LYS A 779 8.06 -24.66 -30.56
C LYS A 779 8.02 -25.13 -31.98
N LYS A 780 7.61 -26.32 -32.28
CA LYS A 780 7.63 -26.94 -33.55
C LYS A 780 6.91 -26.13 -34.60
N GLU A 781 5.71 -25.73 -34.32
CA GLU A 781 4.85 -25.00 -35.17
C GLU A 781 5.48 -23.73 -35.65
N ASN A 782 6.01 -22.95 -34.77
CA ASN A 782 6.66 -21.71 -35.00
C ASN A 782 7.80 -21.86 -35.97
N TYR A 783 8.66 -22.80 -35.74
CA TYR A 783 9.77 -23.15 -36.54
C TYR A 783 9.34 -23.48 -37.95
N LEU A 784 8.39 -24.34 -38.10
CA LEU A 784 7.84 -24.78 -39.32
C LEU A 784 7.32 -23.63 -40.14
N ARG A 785 6.55 -22.77 -39.55
CA ARG A 785 5.91 -21.66 -40.15
C ARG A 785 6.87 -20.57 -40.54
N THR A 786 7.92 -20.36 -39.82
CA THR A 786 8.90 -19.36 -39.97
C THR A 786 9.97 -19.69 -40.97
N PHE A 787 10.38 -20.90 -41.08
CA PHE A 787 11.43 -21.42 -41.86
C PHE A 787 11.09 -22.53 -42.83
N ASN A 788 9.81 -22.91 -42.90
CA ASN A 788 9.30 -23.82 -43.91
C ASN A 788 10.12 -25.10 -44.03
N LYS A 789 10.88 -25.46 -42.99
CA LYS A 789 11.70 -26.66 -43.06
C LYS A 789 10.85 -27.90 -42.71
N SER A 790 11.38 -29.06 -43.04
CA SER A 790 10.68 -30.31 -42.81
C SER A 790 10.79 -30.74 -41.36
N GLU A 791 9.90 -31.66 -40.96
CA GLU A 791 9.90 -32.12 -39.58
C GLU A 791 11.19 -32.83 -39.23
N THR A 792 11.75 -33.59 -40.17
CA THR A 792 13.03 -34.26 -39.91
C THR A 792 14.12 -33.25 -39.64
N ALA A 793 14.18 -32.18 -40.43
CA ALA A 793 15.16 -31.12 -40.18
C ALA A 793 14.92 -30.48 -38.81
N TYR A 794 13.72 -30.29 -38.39
CA TYR A 794 13.32 -29.82 -37.12
C TYR A 794 13.90 -30.66 -36.03
N GLN A 795 13.68 -31.97 -36.15
CA GLN A 795 14.19 -32.90 -35.15
C GLN A 795 15.72 -32.84 -35.08
N LYS A 796 16.37 -32.81 -36.24
CA LYS A 796 17.82 -32.76 -36.26
C LYS A 796 18.34 -31.49 -35.58
N MET A 797 17.82 -30.34 -35.87
CA MET A 797 18.17 -29.09 -35.32
C MET A 797 17.96 -29.07 -33.83
N PHE A 798 16.81 -29.60 -33.41
CA PHE A 798 16.50 -29.66 -31.99
C PHE A 798 17.51 -30.50 -31.23
N THR A 799 17.75 -31.72 -31.70
CA THR A 799 18.70 -32.60 -31.01
C THR A 799 20.12 -32.06 -31.10
N GLU A 800 20.43 -31.24 -32.09
CA GLU A 800 21.78 -30.69 -32.21
C GLU A 800 21.99 -29.50 -31.29
N GLN A 801 21.06 -28.60 -31.18
CA GLN A 801 21.14 -27.36 -30.51
C GLN A 801 20.96 -27.44 -29.02
N PHE A 802 20.13 -28.30 -28.54
CA PHE A 802 19.63 -28.46 -27.23
C PHE A 802 20.25 -29.60 -26.49
N GLU A 803 20.52 -29.42 -25.20
CA GLU A 803 21.09 -30.47 -24.35
C GLU A 803 20.16 -30.72 -23.17
N LYS A 804 20.03 -31.93 -22.73
CA LYS A 804 19.25 -32.42 -21.66
C LYS A 804 20.05 -32.69 -20.42
N LYS A 805 19.53 -32.53 -19.25
CA LYS A 805 20.11 -32.69 -17.98
C LYS A 805 19.13 -33.10 -16.91
N LYS A 806 19.57 -33.57 -15.79
CA LYS A 806 18.88 -33.87 -14.60
C LYS A 806 19.65 -33.47 -13.38
N LEU A 807 19.15 -32.65 -12.51
CA LEU A 807 19.79 -31.98 -11.46
C LEU A 807 18.96 -31.80 -10.23
N LEU A 808 19.59 -31.58 -9.06
CA LEU A 808 18.89 -31.21 -7.82
C LEU A 808 18.79 -29.70 -7.56
N THR A 809 19.53 -28.87 -8.30
CA THR A 809 19.67 -27.44 -8.05
C THR A 809 19.64 -26.64 -9.34
N LEU A 810 19.35 -25.34 -9.24
CA LEU A 810 19.18 -24.47 -10.39
C LEU A 810 19.70 -23.07 -10.11
N ASP A 811 20.33 -22.45 -11.11
CA ASP A 811 20.55 -21.00 -11.12
C ASP A 811 19.26 -20.30 -11.51
N LEU A 812 18.61 -19.65 -10.55
CA LEU A 812 17.32 -19.00 -10.78
C LEU A 812 17.43 -17.69 -11.57
N THR A 813 18.62 -17.12 -11.76
CA THR A 813 18.76 -15.79 -12.36
C THR A 813 18.26 -15.74 -13.79
N THR A 814 18.67 -16.68 -14.65
CA THR A 814 18.37 -16.85 -16.01
C THR A 814 17.28 -17.83 -16.32
N ALA A 815 16.75 -18.53 -15.37
CA ALA A 815 15.76 -19.54 -15.51
C ALA A 815 14.50 -18.99 -16.13
N LYS A 816 13.89 -19.65 -17.06
CA LYS A 816 12.71 -19.33 -17.75
C LYS A 816 11.95 -20.54 -18.23
N VAL A 817 10.67 -20.53 -18.26
CA VAL A 817 9.78 -21.55 -18.68
C VAL A 817 9.38 -21.35 -20.11
N ILE A 818 9.41 -22.33 -20.96
CA ILE A 818 9.07 -22.35 -22.33
C ILE A 818 8.40 -23.63 -22.74
N CYS A 819 7.17 -23.66 -23.12
CA CYS A 819 6.51 -24.77 -23.68
C CYS A 819 6.70 -26.02 -22.88
N GLY A 820 6.48 -25.94 -21.57
CA GLY A 820 6.63 -27.11 -20.73
C GLY A 820 8.05 -27.57 -20.51
N HIS A 821 9.04 -26.76 -20.67
CA HIS A 821 10.42 -26.96 -20.46
C HIS A 821 11.05 -25.91 -19.60
N ILE A 822 12.09 -26.19 -18.89
CA ILE A 822 12.91 -25.37 -18.09
C ILE A 822 14.20 -25.07 -18.80
N VAL A 823 14.59 -23.85 -19.02
CA VAL A 823 15.73 -23.35 -19.67
C VAL A 823 16.60 -22.59 -18.72
N THR A 824 17.79 -23.01 -18.41
CA THR A 824 18.72 -22.38 -17.54
C THR A 824 19.11 -21.01 -18.04
N ASN A 825 19.61 -20.92 -19.22
CA ASN A 825 20.09 -19.80 -19.93
C ASN A 825 19.09 -19.20 -20.88
N GLY A 826 17.82 -19.28 -20.66
CA GLY A 826 16.85 -18.83 -21.51
C GLY A 826 16.75 -17.39 -21.79
N ASP A 827 16.84 -16.57 -20.80
CA ASP A 827 16.63 -15.17 -20.76
C ASP A 827 17.83 -14.43 -20.23
N VAL A 828 18.77 -14.10 -21.10
CA VAL A 828 19.88 -13.22 -20.81
C VAL A 828 19.52 -11.73 -20.89
N PRO A 829 18.78 -11.24 -21.91
CA PRO A 829 18.60 -9.81 -22.10
C PRO A 829 18.05 -9.05 -20.88
N ALA A 830 17.14 -9.65 -20.12
CA ALA A 830 16.53 -9.11 -18.98
C ALA A 830 17.54 -8.79 -17.92
N LEU A 831 18.34 -9.80 -17.58
CA LEU A 831 19.40 -9.69 -16.60
C LEU A 831 20.47 -8.68 -17.02
N PHE A 832 20.84 -8.67 -18.30
CA PHE A 832 21.81 -7.70 -18.80
C PHE A 832 21.31 -6.26 -18.65
N ASN A 833 20.07 -5.98 -19.00
CA ASN A 833 19.43 -4.73 -18.89
C ASN A 833 19.38 -4.27 -17.47
N LEU A 834 19.02 -5.16 -16.54
CA LEU A 834 18.99 -4.84 -15.11
C LEU A 834 20.36 -4.39 -14.61
N TRP A 835 21.40 -5.18 -14.82
CA TRP A 835 22.75 -4.78 -14.40
C TRP A 835 23.20 -3.48 -15.07
N LEU A 836 22.94 -3.29 -16.36
CA LEU A 836 23.41 -2.10 -17.03
C LEU A 836 22.74 -0.84 -16.45
N LYS A 837 21.43 -0.88 -16.25
CA LYS A 837 20.69 0.28 -15.73
C LYS A 837 20.95 0.51 -14.25
N HIS A 838 21.17 -0.53 -13.46
CA HIS A 838 21.68 -0.35 -12.09
C HIS A 838 23.00 0.41 -12.11
N ALA A 839 23.94 0.03 -12.97
CA ALA A 839 25.23 0.73 -13.05
C ALA A 839 25.03 2.20 -13.41
N GLN A 840 24.25 2.51 -14.44
CA GLN A 840 23.97 3.90 -14.79
C GLN A 840 23.33 4.66 -13.64
N ARG A 841 22.37 4.09 -12.92
CA ARG A 841 21.72 4.70 -11.82
C ARG A 841 22.70 5.12 -10.77
N ASN A 842 23.59 4.21 -10.35
CA ASN A 842 24.58 4.55 -9.33
C ASN A 842 25.61 5.57 -9.84
N ILE A 843 26.07 5.48 -11.08
CA ILE A 843 26.99 6.49 -11.60
C ILE A 843 26.35 7.87 -11.61
N PHE A 844 25.06 7.98 -11.94
CA PHE A 844 24.31 9.18 -11.91
C PHE A 844 24.21 9.71 -10.51
N GLU A 845 23.92 8.85 -9.53
CA GLU A 845 23.80 9.28 -8.12
C GLU A 845 25.12 9.87 -7.62
N MET A 846 26.22 9.22 -7.97
CA MET A 846 27.55 9.64 -7.55
C MET A 846 27.93 11.00 -8.15
N ASN A 847 27.67 11.22 -9.44
CA ASN A 847 27.96 12.49 -10.09
C ASN A 847 26.99 13.61 -9.69
N ASP A 848 25.79 13.28 -9.19
CA ASP A 848 24.87 14.18 -8.63
C ASP A 848 25.38 14.87 -7.40
N HIS A 849 25.95 14.09 -6.47
CA HIS A 849 26.76 14.63 -5.38
C HIS A 849 28.05 15.24 -5.93
N ILE A 850 28.78 15.96 -5.07
CA ILE A 850 30.03 16.63 -5.44
C ILE A 850 29.77 17.59 -6.63
N GLN A 851 28.70 18.38 -6.51
CA GLN A 851 28.32 19.41 -7.47
C GLN A 851 29.29 20.60 -7.50
N LYS A 852 30.03 20.82 -6.39
CA LYS A 852 31.14 21.76 -6.27
C LYS A 852 32.34 21.30 -7.11
N GLU A 853 33.03 22.23 -7.77
CA GLU A 853 33.95 21.90 -8.86
C GLU A 853 35.27 21.23 -8.45
N THR A 854 35.64 21.28 -7.16
CA THR A 854 36.89 20.69 -6.69
C THR A 854 36.86 19.16 -6.75
N ALA A 855 37.78 18.58 -7.54
CA ALA A 855 38.10 17.15 -7.53
C ALA A 855 36.89 16.20 -7.65
N LYS A 856 36.02 16.44 -8.64
CA LYS A 856 34.83 15.59 -8.89
C LYS A 856 35.24 14.14 -9.23
N LYS A 857 36.00 13.96 -10.31
CA LYS A 857 36.97 12.87 -10.57
C LYS A 857 36.60 11.47 -10.04
N ILE A 858 35.53 10.88 -10.57
CA ILE A 858 35.30 9.42 -10.53
C ILE A 858 36.36 8.73 -11.42
N VAL A 859 36.95 7.60 -10.98
CA VAL A 859 38.04 6.93 -11.74
C VAL A 859 37.78 5.52 -12.28
N LEU A 860 36.74 4.81 -11.82
CA LEU A 860 36.37 3.46 -12.29
C LEU A 860 37.55 2.45 -12.31
N LYS A 861 38.33 2.37 -11.22
CA LYS A 861 39.64 1.70 -11.20
C LYS A 861 39.63 0.17 -11.36
N ASN A 862 38.48 -0.50 -11.31
CA ASN A 862 38.33 -1.97 -11.45
C ASN A 862 39.05 -2.83 -10.37
N GLN A 863 39.79 -2.19 -9.47
CA GLN A 863 40.59 -2.68 -8.42
C GLN A 863 40.69 -1.73 -7.27
N LEU A 864 40.94 -2.23 -6.05
CA LEU A 864 41.10 -1.36 -4.89
C LEU A 864 42.43 -0.61 -4.95
N ASP A 865 43.58 -1.30 -4.98
CA ASP A 865 44.85 -0.78 -5.27
C ASP A 865 45.40 0.17 -4.22
N THR A 866 44.75 0.35 -3.13
CA THR A 866 45.07 1.25 -2.09
C THR A 866 44.30 1.04 -0.81
N ASP A 867 44.88 1.22 0.32
CA ASP A 867 44.32 1.21 1.61
C ASP A 867 43.59 2.51 1.89
N ASN A 868 42.81 2.58 2.93
CA ASN A 868 42.01 3.69 3.28
C ASN A 868 40.80 3.81 2.40
N GLU A 869 40.74 3.05 1.31
CA GLU A 869 39.56 2.86 0.46
C GLU A 869 38.95 1.50 0.77
N LYS A 870 39.78 0.46 0.92
CA LYS A 870 39.35 -0.86 1.41
C LYS A 870 38.51 -0.74 2.69
N LEU A 871 38.94 0.05 3.65
CA LEU A 871 38.32 0.38 4.87
C LEU A 871 36.95 0.97 4.64
N LYS A 872 36.88 1.95 3.75
CA LYS A 872 35.62 2.60 3.38
C LYS A 872 34.66 1.61 2.73
N PHE A 873 35.16 0.73 1.87
CA PHE A 873 34.35 -0.32 1.25
C PHE A 873 33.80 -1.27 2.32
N ALA A 874 34.65 -1.67 3.27
CA ALA A 874 34.31 -2.45 4.39
C ALA A 874 33.24 -1.79 5.21
N GLU A 875 33.36 -0.53 5.49
CA GLU A 875 32.43 0.28 6.15
C GLU A 875 31.10 0.28 5.44
N TYR A 876 31.12 0.39 4.11
CA TYR A 876 29.91 0.41 3.29
C TYR A 876 29.17 -0.91 3.33
N ILE A 877 29.87 -2.05 3.30
CA ILE A 877 29.25 -3.37 3.23
C ILE A 877 28.76 -3.90 4.58
N SER A 878 29.19 -3.33 5.71
CA SER A 878 29.00 -3.80 7.03
C SER A 878 27.91 -3.07 7.76
N LYS A 879 27.40 -3.59 8.82
CA LYS A 879 26.48 -3.03 9.73
C LYS A 879 27.13 -2.05 10.66
N GLU A 880 26.63 -0.87 10.86
CA GLU A 880 27.15 0.14 11.71
C GLU A 880 27.29 -0.34 13.12
N LYS A 881 26.23 -0.95 13.63
CA LYS A 881 26.18 -1.34 15.03
C LYS A 881 27.29 -2.33 15.37
N GLU A 882 27.47 -3.34 14.52
CA GLU A 882 28.56 -4.30 14.70
C GLU A 882 29.91 -3.69 14.34
N PHE A 883 30.01 -2.88 13.33
CA PHE A 883 31.17 -2.25 12.85
C PHE A 883 31.83 -1.40 13.90
N GLY A 884 31.01 -0.72 14.70
CA GLY A 884 31.54 0.19 15.70
C GLY A 884 32.40 -0.48 16.74
N LYS A 885 32.17 -1.77 17.00
CA LYS A 885 32.90 -2.46 18.05
C LYS A 885 34.34 -2.78 17.67
N LEU A 886 34.65 -2.77 16.37
CA LEU A 886 35.97 -3.21 15.94
C LEU A 886 37.02 -2.15 16.23
N ASN A 887 38.21 -2.61 16.62
CA ASN A 887 39.37 -1.74 16.72
C ASN A 887 40.03 -1.60 15.36
N ASP A 888 40.84 -0.54 15.22
CA ASP A 888 41.54 -0.30 13.96
C ASP A 888 42.29 -1.55 13.49
N ASP A 889 42.99 -2.22 14.41
CA ASP A 889 43.62 -3.48 14.05
C ASP A 889 42.57 -4.51 13.65
N GLU A 890 41.47 -4.58 14.38
CA GLU A 890 40.38 -5.46 13.99
C GLU A 890 39.81 -5.08 12.64
N LYS A 891 39.69 -3.83 12.32
CA LYS A 891 39.26 -3.31 11.07
C LYS A 891 40.15 -3.77 9.94
N MET A 892 41.43 -3.67 10.10
CA MET A 892 42.43 -4.11 9.20
C MET A 892 42.31 -5.59 8.92
N LYS A 893 42.19 -6.36 10.00
CA LYS A 893 41.98 -7.79 9.87
C LYS A 893 40.71 -8.07 9.08
N TYR A 894 39.66 -7.32 9.26
CA TYR A 894 38.42 -7.39 8.60
C TYR A 894 38.58 -7.21 7.12
N THR A 895 39.27 -6.20 6.71
CA THR A 895 39.62 -5.89 5.38
C THR A 895 40.33 -7.04 4.71
N LYS A 896 41.33 -7.56 5.34
CA LYS A 896 42.11 -8.65 4.91
C LYS A 896 41.26 -9.88 4.68
N TRP A 897 40.42 -10.22 5.60
CA TRP A 897 39.47 -11.26 5.54
C TRP A 897 38.58 -11.13 4.34
N ILE A 898 38.09 -9.98 4.06
CA ILE A 898 37.25 -9.62 2.99
C ILE A 898 37.92 -9.89 1.66
N PHE A 899 39.08 -9.35 1.46
CA PHE A 899 39.82 -9.28 0.26
C PHE A 899 40.79 -10.39 0.01
N GLU A 900 41.57 -10.76 0.98
CA GLU A 900 42.57 -11.75 0.93
C GLU A 900 41.97 -13.11 0.71
N ASP A 901 42.67 -14.02 0.12
CA ASP A 901 42.32 -15.38 -0.06
C ASP A 901 42.08 -16.04 1.27
N ARG A 902 41.18 -16.95 1.39
CA ARG A 902 40.76 -17.62 2.56
C ARG A 902 41.87 -18.28 3.32
N ASP A 903 42.94 -18.66 2.63
CA ASP A 903 44.05 -19.38 3.25
C ASP A 903 45.25 -18.51 3.57
N GLN A 904 45.22 -17.22 3.21
CA GLN A 904 46.37 -16.36 3.43
C GLN A 904 46.67 -16.16 4.92
N ASN A 905 45.64 -16.00 5.74
CA ASN A 905 45.82 -15.81 7.17
C ASN A 905 44.94 -16.78 7.93
N ASN A 906 45.44 -17.25 9.08
CA ASN A 906 44.72 -18.20 9.91
C ASN A 906 43.87 -17.43 10.93
N PHE A 907 42.77 -16.90 10.51
CA PHE A 907 41.81 -16.22 11.28
C PHE A 907 41.32 -17.07 12.40
N THR A 908 41.24 -16.53 13.62
CA THR A 908 40.75 -17.30 14.74
C THR A 908 39.24 -17.52 14.63
N GLU A 909 38.74 -18.49 15.37
CA GLU A 909 37.32 -18.78 15.34
C GLU A 909 36.51 -17.59 15.82
N VAL A 910 36.99 -16.91 16.88
CA VAL A 910 36.30 -15.72 17.36
C VAL A 910 36.30 -14.65 16.28
N GLU A 911 37.43 -14.47 15.59
CA GLU A 911 37.49 -13.49 14.52
C GLU A 911 36.47 -13.79 13.44
N ASN A 912 36.36 -14.99 12.98
CA ASN A 912 35.44 -15.45 12.01
C ASN A 912 34.02 -15.21 12.42
N LYS A 913 33.73 -15.60 13.66
CA LYS A 913 32.39 -15.42 14.21
C LYS A 913 32.00 -13.94 14.23
N LYS A 914 32.91 -13.08 14.68
CA LYS A 914 32.61 -11.66 14.71
C LYS A 914 32.43 -11.11 13.30
N PHE A 915 33.23 -11.47 12.36
CA PHE A 915 33.18 -11.08 11.00
C PHE A 915 31.86 -11.40 10.37
N LYS A 916 31.39 -12.60 10.52
CA LYS A 916 30.21 -13.13 9.96
C LYS A 916 28.99 -12.33 10.30
N ARG A 917 28.96 -11.61 11.38
CA ARG A 917 27.95 -10.75 11.84
C ARG A 917 27.98 -9.35 11.27
N CYS A 918 29.01 -8.97 10.60
CA CYS A 918 29.28 -7.67 10.10
C CYS A 918 28.65 -7.39 8.76
N GLN A 919 29.00 -8.11 7.75
CA GLN A 919 28.59 -8.00 6.42
C GLN A 919 27.10 -8.20 6.28
N LYS A 920 26.49 -7.49 5.32
CA LYS A 920 25.08 -7.67 4.94
C LYS A 920 24.82 -9.00 4.22
N ILE A 921 25.70 -9.39 3.29
CA ILE A 921 25.71 -10.61 2.46
C ILE A 921 27.15 -10.98 2.10
N TYR A 922 27.41 -12.24 1.74
CA TYR A 922 28.75 -12.71 1.38
C TYR A 922 29.01 -12.75 -0.14
N GLY A 923 30.28 -12.75 -0.53
CA GLY A 923 30.73 -12.91 -1.91
C GLY A 923 32.23 -12.63 -2.07
N ASN A 924 32.87 -13.19 -3.09
CA ASN A 924 34.22 -12.97 -3.45
C ASN A 924 34.39 -11.60 -4.05
N TYR A 925 35.53 -10.95 -3.78
CA TYR A 925 35.88 -9.62 -4.29
C TYR A 925 37.31 -9.53 -4.88
N SER A 926 38.00 -10.62 -5.20
CA SER A 926 39.35 -10.66 -5.60
C SER A 926 39.72 -11.57 -6.75
N THR A 927 39.09 -12.70 -6.87
CA THR A 927 39.48 -13.80 -7.66
C THR A 927 38.46 -14.54 -8.49
N LYS A 928 37.15 -14.31 -8.31
CA LYS A 928 36.11 -15.13 -8.97
C LYS A 928 35.27 -14.37 -9.99
N ALA A 929 34.60 -13.29 -9.56
CA ALA A 929 33.53 -12.67 -10.36
C ALA A 929 33.83 -11.23 -10.81
N LYS A 930 35.04 -10.72 -10.50
CA LYS A 930 35.67 -9.53 -11.09
C LYS A 930 34.78 -8.29 -11.21
N ALA A 931 33.96 -8.01 -10.21
CA ALA A 931 33.04 -6.88 -10.19
C ALA A 931 33.78 -5.51 -10.17
N PRO A 932 33.61 -4.61 -11.16
CA PRO A 932 34.24 -3.29 -11.14
C PRO A 932 33.82 -2.43 -9.95
N VAL A 933 34.77 -1.68 -9.40
CA VAL A 933 34.59 -0.80 -8.23
C VAL A 933 34.91 0.65 -8.60
N LEU A 934 34.15 1.59 -8.05
CA LEU A 934 34.25 3.04 -8.20
C LEU A 934 34.80 3.68 -6.93
N PHE A 935 35.62 4.72 -7.04
CA PHE A 935 35.77 5.75 -6.02
C PHE A 935 36.03 7.12 -6.66
N ALA A 936 35.87 8.18 -5.88
CA ALA A 936 35.95 9.57 -6.36
C ALA A 936 36.92 10.47 -5.53
N SER A 937 37.73 9.88 -4.66
CA SER A 937 38.68 10.57 -3.78
C SER A 937 39.88 11.20 -4.50
N CYS A 938 40.07 10.95 -5.79
CA CYS A 938 41.31 11.26 -6.49
C CYS A 938 41.41 12.73 -6.93
N PHE A 939 41.89 13.62 -6.05
CA PHE A 939 42.32 14.98 -6.42
C PHE A 939 43.46 14.93 -7.44
N ILE A 940 44.47 14.13 -7.13
CA ILE A 940 45.75 13.96 -7.84
C ILE A 940 46.07 12.45 -7.83
N ASP A 941 46.99 12.00 -8.68
CA ASP A 941 47.49 10.62 -8.74
C ASP A 941 47.73 10.02 -7.35
N GLU A 942 47.26 8.78 -7.14
CA GLU A 942 46.95 8.26 -5.82
C GLU A 942 48.19 7.91 -4.99
N GLU A 943 48.09 8.10 -3.68
CA GLU A 943 49.06 7.86 -2.69
C GLU A 943 48.46 7.29 -1.43
N LEU A 944 49.11 6.41 -0.75
CA LEU A 944 48.68 5.69 0.37
C LEU A 944 48.20 6.59 1.47
N GLN A 945 48.66 7.80 1.55
CA GLN A 945 48.36 8.84 2.44
C GLN A 945 47.68 9.98 1.75
N SER A 946 47.03 10.86 2.45
CA SER A 946 46.30 11.93 1.86
C SER A 946 45.16 11.31 1.09
N VAL A 947 44.82 11.83 -0.05
CA VAL A 947 43.81 11.35 -0.91
C VAL A 947 42.60 10.96 -0.09
N THR A 948 41.99 11.84 0.61
CA THR A 948 40.93 11.63 1.52
C THR A 948 39.83 10.80 0.90
N ASP A 949 39.34 9.78 1.60
CA ASP A 949 38.36 8.81 1.11
C ASP A 949 36.91 9.32 1.11
N ILE A 950 36.62 10.47 1.72
CA ILE A 950 35.24 10.92 2.04
C ILE A 950 34.35 11.12 0.80
N PHE A 951 34.96 11.18 -0.39
CA PHE A 951 34.31 11.17 -1.69
C PHE A 951 33.69 9.81 -2.06
N ASP A 952 33.83 8.81 -1.19
CA ASP A 952 33.15 7.51 -1.19
C ASP A 952 33.60 6.51 -2.26
N VAL A 953 33.27 5.24 -2.00
CA VAL A 953 33.53 4.06 -2.83
C VAL A 953 32.20 3.35 -3.12
N ARG A 954 32.05 2.74 -4.30
CA ARG A 954 30.80 2.09 -4.68
C ARG A 954 31.02 0.88 -5.59
N HIS A 955 30.13 -0.10 -5.45
CA HIS A 955 30.12 -1.39 -6.12
C HIS A 955 29.30 -1.31 -7.42
N ILE A 956 29.95 -1.22 -8.59
CA ILE A 956 29.28 -0.71 -9.81
C ILE A 956 28.45 -1.77 -10.54
N PHE A 957 29.05 -2.92 -10.82
CA PHE A 957 28.65 -3.83 -11.91
C PHE A 957 29.28 -5.21 -11.74
N LYS A 958 28.94 -6.20 -12.58
CA LYS A 958 29.58 -7.52 -12.62
C LYS A 958 29.79 -8.00 -14.06
N LYS A 959 30.94 -8.60 -14.39
CA LYS A 959 31.12 -9.35 -15.63
C LYS A 959 30.46 -10.73 -15.51
N ARG A 960 29.39 -11.00 -16.27
CA ARG A 960 28.95 -12.39 -16.47
C ARG A 960 30.01 -13.16 -17.22
N GLU A 961 30.09 -14.46 -16.94
CA GLU A 961 31.21 -15.33 -17.28
C GLU A 961 31.35 -15.56 -18.79
N ASP A 962 30.24 -15.50 -19.52
CA ASP A 962 30.20 -15.54 -20.99
C ASP A 962 30.45 -14.17 -21.64
N PHE A 963 30.84 -13.15 -20.87
CA PHE A 963 30.53 -11.75 -21.21
C PHE A 963 29.04 -11.69 -21.57
N TYR A 964 28.74 -11.37 -22.82
CA TYR A 964 27.52 -11.78 -23.47
C TYR A 964 27.81 -12.00 -24.95
N ALA A 965 26.99 -12.81 -25.63
CA ALA A 965 26.90 -12.74 -27.08
C ALA A 965 26.29 -11.41 -27.57
N LEU A 966 25.55 -10.72 -26.70
CA LEU A 966 25.05 -9.37 -26.92
C LEU A 966 26.21 -8.37 -26.90
N LYS A 967 26.13 -7.33 -27.75
CA LYS A 967 27.12 -6.26 -27.86
C LYS A 967 28.56 -6.79 -28.00
N THR A 968 29.55 -6.18 -27.36
CA THR A 968 30.97 -6.57 -27.43
C THR A 968 31.73 -6.09 -26.21
N GLU A 969 32.76 -6.83 -25.80
CA GLU A 969 33.53 -6.58 -24.58
C GLU A 969 34.09 -5.15 -24.50
N GLU A 970 34.76 -4.70 -25.55
CA GLU A 970 35.30 -3.33 -25.63
C GLU A 970 34.20 -2.27 -25.46
N GLU A 971 33.03 -2.53 -26.05
CA GLU A 971 31.95 -1.56 -26.07
C GLU A 971 31.27 -1.43 -24.70
N ILE A 972 31.22 -2.49 -23.89
CA ILE A 972 30.60 -2.39 -22.56
C ILE A 972 31.39 -1.43 -21.66
N LYS A 973 32.71 -1.57 -21.66
CA LYS A 973 33.61 -0.66 -20.93
C LYS A 973 33.38 0.78 -21.37
N GLN A 974 33.29 1.02 -22.67
CA GLN A 974 33.03 2.26 -23.28
C GLN A 974 31.69 2.81 -22.88
N LEU A 975 30.62 2.01 -22.96
CA LEU A 975 29.28 2.43 -22.58
C LEU A 975 29.26 2.90 -21.14
N ILE A 976 29.73 2.07 -20.22
CA ILE A 976 29.74 2.44 -18.80
C ILE A 976 30.58 3.71 -18.59
N ASP A 977 31.79 3.76 -19.13
CA ASP A 977 32.67 4.93 -19.03
C ASP A 977 32.01 6.20 -19.61
N SER A 978 31.32 6.08 -20.75
CA SER A 978 30.61 7.14 -21.37
C SER A 978 29.61 7.76 -20.44
N TYR A 979 28.90 7.00 -19.68
CA TYR A 979 27.85 7.39 -18.82
C TYR A 979 28.30 8.27 -17.68
N ASN A 980 29.60 8.31 -17.37
CA ASN A 980 30.18 9.18 -16.36
C ASN A 980 30.64 10.52 -16.94
N THR A 981 31.28 10.49 -18.10
CA THR A 981 31.96 11.53 -18.78
C THR A 981 31.12 12.38 -19.69
N ASN A 982 29.96 11.97 -20.08
CA ASN A 982 29.07 12.52 -21.03
C ASN A 982 27.65 12.63 -20.56
N ARG A 983 27.39 13.08 -19.38
CA ARG A 983 26.12 13.21 -18.76
C ARG A 983 25.13 13.92 -19.66
N ALA A 984 25.50 15.05 -20.16
CA ALA A 984 24.70 15.95 -20.90
C ALA A 984 23.97 15.28 -22.03
N SER A 985 24.67 14.48 -22.86
CA SER A 985 24.06 13.91 -24.08
C SER A 985 22.99 12.85 -23.77
N HIS A 986 22.92 12.32 -22.56
CA HIS A 986 21.95 11.40 -22.08
C HIS A 986 20.75 12.14 -21.54
N ASP A 987 19.61 12.05 -22.20
CA ASP A 987 18.44 12.86 -21.87
C ASP A 987 17.40 12.10 -21.05
N ILE A 988 17.78 11.71 -19.83
CA ILE A 988 16.94 10.97 -18.88
C ILE A 988 17.01 11.62 -17.50
N SER A 989 15.87 11.79 -16.84
CA SER A 989 15.71 12.29 -15.53
C SER A 989 15.84 11.22 -14.48
N ASN A 990 16.41 11.50 -13.35
CA ASN A 990 16.58 10.63 -12.26
C ASN A 990 15.27 10.05 -11.79
N GLU A 991 14.26 10.85 -11.65
CA GLU A 991 12.98 10.52 -11.17
C GLU A 991 12.24 9.54 -12.04
N GLU A 992 12.64 9.38 -13.31
CA GLU A 992 12.02 8.44 -14.24
C GLU A 992 12.82 7.15 -14.39
N LEU A 993 14.14 7.21 -14.25
CA LEU A 993 15.02 6.11 -14.28
C LEU A 993 14.67 5.09 -13.24
N ASP A 994 14.29 5.50 -12.07
CA ASP A 994 13.83 4.70 -11.00
C ASP A 994 12.61 3.90 -11.37
N LEU A 995 11.62 4.51 -11.94
CA LEU A 995 10.46 3.91 -12.47
C LEU A 995 10.80 2.85 -13.46
N LYS A 996 11.68 3.16 -14.41
CA LYS A 996 12.09 2.21 -15.45
C LYS A 996 12.81 1.00 -14.87
N ILE A 997 13.59 1.19 -13.80
CA ILE A 997 14.22 0.17 -13.05
C ILE A 997 13.21 -0.74 -12.43
N LEU A 998 12.25 -0.20 -11.76
CA LEU A 998 11.28 -0.88 -10.98
C LEU A 998 10.59 -1.96 -11.78
N ASN A 999 10.11 -1.65 -12.93
CA ASN A 999 9.45 -2.52 -13.83
C ASN A 999 10.30 -3.70 -14.19
N THR A 1000 11.52 -3.49 -14.58
CA THR A 1000 12.47 -4.48 -14.93
C THR A 1000 12.59 -5.51 -13.85
N LYS A 1001 12.80 -5.10 -12.65
CA LYS A 1001 12.77 -5.90 -11.48
C LYS A 1001 11.49 -6.66 -11.36
N LYS A 1002 10.39 -5.99 -11.48
CA LYS A 1002 9.08 -6.49 -11.40
C LYS A 1002 8.85 -7.60 -12.40
N ALA A 1003 9.21 -7.39 -13.63
CA ALA A 1003 9.11 -8.28 -14.71
C ALA A 1003 9.89 -9.55 -14.47
N LEU A 1004 11.14 -9.39 -14.06
CA LEU A 1004 12.07 -10.52 -13.93
C LEU A 1004 11.61 -11.54 -12.89
N VAL A 1005 10.89 -11.13 -11.85
CA VAL A 1005 10.33 -11.93 -10.83
C VAL A 1005 9.33 -12.91 -11.39
N ALA A 1006 8.67 -12.59 -12.45
CA ALA A 1006 7.70 -13.36 -13.12
C ALA A 1006 8.24 -14.70 -13.51
N ASN A 1007 9.39 -14.75 -14.10
CA ASN A 1007 10.09 -15.91 -14.51
C ASN A 1007 10.32 -16.85 -13.36
N ALA A 1008 10.81 -16.36 -12.27
CA ALA A 1008 11.04 -17.04 -11.06
C ALA A 1008 9.79 -17.69 -10.55
N VAL A 1009 8.72 -16.95 -10.47
CA VAL A 1009 7.44 -17.37 -10.06
C VAL A 1009 6.96 -18.55 -10.88
N GLY A 1010 7.03 -18.45 -12.16
CA GLY A 1010 6.69 -19.45 -13.03
C GLY A 1010 7.43 -20.72 -12.88
N VAL A 1011 8.76 -20.62 -12.76
CA VAL A 1011 9.62 -21.79 -12.54
C VAL A 1011 9.24 -22.52 -11.26
N ILE A 1012 9.10 -21.79 -10.15
CA ILE A 1012 8.78 -22.41 -8.87
C ILE A 1012 7.42 -23.09 -8.95
N ASP A 1013 6.42 -22.46 -9.56
CA ASP A 1013 5.12 -23.00 -9.73
C ASP A 1013 5.16 -24.30 -10.48
N PHE A 1014 5.83 -24.34 -11.58
CA PHE A 1014 6.01 -25.47 -12.42
C PHE A 1014 6.61 -26.62 -11.67
N LEU A 1015 7.74 -26.39 -11.01
CA LEU A 1015 8.42 -27.44 -10.25
C LEU A 1015 7.53 -27.97 -9.15
N TYR A 1016 6.81 -27.11 -8.44
CA TYR A 1016 5.93 -27.45 -7.40
C TYR A 1016 4.86 -28.40 -7.88
N LYS A 1017 4.19 -28.08 -8.94
CA LYS A 1017 3.21 -28.88 -9.57
C LYS A 1017 3.76 -30.23 -9.92
N HIS A 1018 4.88 -30.28 -10.57
CA HIS A 1018 5.55 -31.44 -11.01
C HIS A 1018 5.78 -32.40 -9.87
N TYR A 1019 6.46 -31.96 -8.86
CA TYR A 1019 6.82 -32.70 -7.71
C TYR A 1019 5.61 -33.20 -6.95
N GLU A 1020 4.63 -32.36 -6.74
CA GLU A 1020 3.41 -32.65 -6.10
C GLU A 1020 2.71 -33.81 -6.76
N ARG A 1021 2.53 -33.76 -8.04
CA ARG A 1021 1.95 -34.76 -8.84
C ARG A 1021 2.69 -36.06 -8.75
N ARG A 1022 3.97 -36.06 -8.85
CA ARG A 1022 4.82 -37.19 -8.79
C ARG A 1022 4.71 -37.91 -7.47
N LEU A 1023 4.73 -37.22 -6.39
CA LEU A 1023 4.79 -37.65 -5.05
C LEU A 1023 3.47 -37.73 -4.31
N GLY A 1024 2.47 -36.99 -4.79
CA GLY A 1024 1.19 -36.99 -4.13
C GLY A 1024 1.20 -36.44 -2.72
N GLY A 1025 1.85 -35.29 -2.52
CA GLY A 1025 1.88 -34.67 -1.20
C GLY A 1025 2.29 -33.22 -1.33
N GLU A 1026 2.17 -32.48 -0.29
CA GLU A 1026 2.47 -31.11 -0.16
C GLU A 1026 3.91 -30.88 0.25
N GLY A 1027 4.54 -29.85 -0.19
CA GLY A 1027 5.83 -29.44 0.08
C GLY A 1027 6.05 -28.18 0.81
N LEU A 1028 7.16 -27.93 1.42
CA LEU A 1028 7.55 -26.80 2.16
C LEU A 1028 8.50 -25.90 1.41
N ILE A 1029 8.28 -24.64 1.32
CA ILE A 1029 9.06 -23.61 0.74
C ILE A 1029 9.74 -22.80 1.81
N ILE A 1030 11.03 -22.75 1.87
CA ILE A 1030 11.87 -22.12 2.82
C ILE A 1030 12.68 -21.03 2.21
N LYS A 1031 12.65 -19.83 2.69
CA LYS A 1031 13.35 -18.66 2.32
C LYS A 1031 14.23 -18.14 3.42
N GLU A 1032 15.44 -17.75 3.18
CA GLU A 1032 16.38 -17.20 4.08
C GLU A 1032 16.12 -15.75 4.35
N GLY A 1033 15.74 -15.34 5.51
CA GLY A 1033 15.57 -14.04 5.90
C GLY A 1033 14.29 -13.36 5.63
N PHE A 1034 13.60 -12.82 6.58
CA PHE A 1034 12.40 -12.10 6.51
C PHE A 1034 12.67 -10.65 6.17
N GLY A 1035 12.46 -10.19 4.98
CA GLY A 1035 12.84 -8.97 4.50
C GLY A 1035 11.93 -7.82 4.50
N THR A 1036 10.68 -8.04 4.31
CA THR A 1036 9.65 -7.07 4.20
C THR A 1036 9.56 -6.14 5.38
N GLY A 1037 9.99 -6.53 6.54
CA GLY A 1037 9.98 -5.79 7.69
C GLY A 1037 10.99 -4.75 7.92
N LYS A 1038 11.94 -4.61 7.05
CA LYS A 1038 13.03 -3.73 7.09
C LYS A 1038 12.62 -2.31 6.75
N VAL A 1039 13.54 -1.40 6.65
CA VAL A 1039 13.38 -0.01 6.45
C VAL A 1039 13.27 0.34 4.99
N GLU A 1040 14.11 -0.19 4.17
CA GLU A 1040 14.18 0.09 2.79
C GLU A 1040 14.51 1.55 2.56
N ASP A 1041 15.63 2.05 2.96
CA ASP A 1041 16.07 3.40 2.92
C ASP A 1041 17.07 3.63 1.82
N GLY A 1042 17.34 4.86 1.47
CA GLY A 1042 18.31 5.21 0.53
C GLY A 1042 17.92 5.02 -0.89
N ILE A 1043 18.88 4.56 -1.68
CA ILE A 1043 18.66 4.26 -3.09
C ILE A 1043 17.39 3.43 -3.22
N GLU A 1044 17.17 2.44 -2.37
CA GLU A 1044 16.12 1.50 -2.32
C GLU A 1044 14.76 2.16 -2.24
N LYS A 1045 14.70 3.39 -1.82
CA LYS A 1045 13.52 4.11 -1.51
C LYS A 1045 12.50 4.03 -2.61
N PHE A 1046 12.92 3.99 -3.84
CA PHE A 1046 12.18 3.86 -5.04
C PHE A 1046 12.72 2.85 -6.03
N SER A 1047 13.40 1.83 -5.63
CA SER A 1047 14.14 0.89 -6.38
C SER A 1047 13.69 -0.54 -6.29
N GLY A 1048 12.76 -0.88 -5.48
CA GLY A 1048 12.22 -2.16 -5.29
C GLY A 1048 12.70 -3.14 -4.30
N ASN A 1049 13.97 -3.30 -4.13
CA ASN A 1049 14.51 -4.24 -3.25
C ASN A 1049 14.10 -5.63 -3.66
N ILE A 1050 14.67 -6.17 -4.74
CA ILE A 1050 14.21 -7.38 -5.45
C ILE A 1050 13.60 -8.48 -4.58
N TYR A 1051 14.27 -8.87 -3.48
CA TYR A 1051 13.75 -9.89 -2.57
C TYR A 1051 12.40 -9.52 -1.97
N ARG A 1052 12.10 -8.27 -1.64
CA ARG A 1052 10.83 -7.86 -1.18
C ARG A 1052 9.75 -8.13 -2.18
N ILE A 1053 9.96 -7.78 -3.41
CA ILE A 1053 9.10 -7.97 -4.51
C ILE A 1053 8.76 -9.43 -4.68
N LEU A 1054 9.80 -10.27 -4.71
CA LEU A 1054 9.66 -11.73 -4.83
C LEU A 1054 8.81 -12.28 -3.70
N GLU A 1055 9.06 -11.81 -2.48
CA GLU A 1055 8.39 -12.20 -1.30
C GLU A 1055 6.90 -12.09 -1.43
N ARG A 1056 6.41 -11.00 -1.92
CA ARG A 1056 5.07 -10.66 -2.11
C ARG A 1056 4.42 -11.38 -3.27
N LYS A 1057 5.05 -11.39 -4.40
CA LYS A 1057 4.59 -12.01 -5.59
C LYS A 1057 4.38 -13.49 -5.42
N LEU A 1058 5.32 -14.17 -4.88
CA LEU A 1058 5.30 -15.56 -4.59
C LEU A 1058 4.13 -15.92 -3.73
N TYR A 1059 3.92 -15.20 -2.68
CA TYR A 1059 2.83 -15.32 -1.77
C TYR A 1059 1.51 -15.19 -2.49
N GLN A 1060 1.37 -14.20 -3.31
CA GLN A 1060 0.22 -13.93 -4.10
C GLN A 1060 -0.14 -15.10 -4.96
N LYS A 1061 0.79 -15.67 -5.66
CA LYS A 1061 0.63 -16.77 -6.53
C LYS A 1061 0.01 -17.95 -5.81
N PHE A 1062 0.57 -18.36 -4.73
CA PHE A 1062 0.19 -19.47 -3.96
C PHE A 1062 -1.21 -19.36 -3.39
N GLN A 1063 -1.68 -18.18 -3.17
CA GLN A 1063 -2.93 -17.89 -2.58
C GLN A 1063 -4.07 -18.58 -3.27
N ASN A 1064 -3.98 -18.81 -4.54
CA ASN A 1064 -4.94 -19.44 -5.36
C ASN A 1064 -5.25 -20.84 -4.89
N TYR A 1065 -4.27 -21.63 -4.63
CA TYR A 1065 -4.30 -23.00 -4.23
C TYR A 1065 -4.76 -23.22 -2.82
N GLY A 1066 -4.89 -22.14 -2.05
CA GLY A 1066 -5.33 -22.27 -0.67
C GLY A 1066 -4.36 -22.97 0.24
N LEU A 1067 -3.06 -22.85 -0.02
CA LEU A 1067 -2.05 -23.47 0.83
C LEU A 1067 -1.44 -22.49 1.82
N VAL A 1068 -1.96 -21.27 1.92
CA VAL A 1068 -1.45 -20.29 2.87
C VAL A 1068 -2.64 -19.62 3.55
N PRO A 1069 -2.48 -19.10 4.75
CA PRO A 1069 -3.56 -18.41 5.42
C PRO A 1069 -4.05 -17.22 4.66
N PRO A 1070 -5.33 -16.85 4.75
CA PRO A 1070 -5.90 -15.75 4.02
C PRO A 1070 -5.52 -14.36 4.49
N ILE A 1071 -4.30 -13.99 4.47
CA ILE A 1071 -3.75 -12.74 4.80
C ILE A 1071 -3.84 -11.79 3.64
N LYS A 1072 -4.47 -10.61 3.81
CA LYS A 1072 -4.64 -9.65 2.71
C LYS A 1072 -3.34 -8.94 2.34
N SER A 1073 -2.52 -8.59 3.34
CA SER A 1073 -1.17 -8.05 3.11
C SER A 1073 -0.19 -8.58 4.14
N LEU A 1074 1.03 -8.84 3.70
CA LEU A 1074 2.10 -9.43 4.39
C LEU A 1074 2.59 -8.62 5.57
N MET A 1075 2.34 -7.31 5.55
CA MET A 1075 2.82 -6.35 6.54
C MET A 1075 2.40 -6.68 7.97
N ALA A 1076 1.30 -7.39 8.14
CA ALA A 1076 0.69 -7.72 9.37
C ALA A 1076 1.47 -8.71 10.21
N VAL A 1077 2.42 -9.40 9.67
CA VAL A 1077 3.19 -10.43 10.26
C VAL A 1077 3.95 -9.90 11.44
N ARG A 1078 3.94 -10.53 12.57
CA ARG A 1078 4.70 -10.31 13.75
C ARG A 1078 5.97 -11.14 13.73
N ALA A 1079 6.95 -10.76 12.96
CA ALA A 1079 8.15 -11.45 12.67
C ALA A 1079 9.24 -11.30 13.69
N ASN A 1080 8.94 -10.76 14.87
CA ASN A 1080 9.99 -10.47 15.84
C ASN A 1080 10.67 -11.73 16.35
N GLY A 1081 9.96 -12.85 16.41
CA GLY A 1081 10.48 -14.04 17.06
C GLY A 1081 11.56 -14.76 16.29
N ILE A 1082 11.78 -14.41 15.03
CA ILE A 1082 12.75 -15.14 14.21
C ILE A 1082 14.18 -14.86 14.67
N GLU A 1083 14.49 -13.62 15.02
CA GLU A 1083 15.87 -13.17 15.10
C GLU A 1083 16.70 -14.03 16.06
N ASN A 1084 17.92 -14.35 15.62
CA ASN A 1084 18.93 -14.99 16.45
C ASN A 1084 18.41 -16.25 17.12
N ASN A 1085 18.04 -17.23 16.30
CA ASN A 1085 17.69 -18.56 16.82
C ASN A 1085 17.84 -19.55 15.68
N LYS A 1086 18.96 -20.26 15.65
CA LYS A 1086 19.20 -21.23 14.59
C LYS A 1086 18.08 -22.25 14.50
N ASN A 1087 17.51 -22.63 15.64
CA ASN A 1087 16.47 -23.66 15.67
C ASN A 1087 15.08 -23.11 15.43
N ALA A 1088 14.91 -21.79 15.39
CA ALA A 1088 13.59 -21.22 15.25
C ALA A 1088 13.07 -21.40 13.82
N ILE A 1089 11.82 -21.18 13.60
CA ILE A 1089 11.09 -21.19 12.39
C ILE A 1089 9.83 -20.39 12.47
N LEU A 1090 9.50 -19.65 11.43
CA LEU A 1090 8.23 -18.94 11.33
C LEU A 1090 7.41 -19.62 10.23
N GLN A 1091 6.20 -20.05 10.58
CA GLN A 1091 5.38 -20.86 9.68
C GLN A 1091 4.13 -20.09 9.29
N LEU A 1092 3.82 -20.00 8.04
CA LEU A 1092 2.68 -19.46 7.39
C LEU A 1092 2.15 -20.48 6.41
N GLY A 1093 1.13 -21.25 6.77
CA GLY A 1093 0.67 -22.30 5.88
C GLY A 1093 1.81 -23.26 5.60
N ASN A 1094 2.12 -23.52 4.38
CA ASN A 1094 3.19 -24.29 3.86
C ASN A 1094 4.44 -23.51 3.57
N VAL A 1095 4.47 -22.23 3.72
CA VAL A 1095 5.52 -21.30 3.56
C VAL A 1095 6.15 -20.97 4.88
N GLY A 1096 7.43 -20.83 5.00
CA GLY A 1096 8.16 -20.50 6.11
C GLY A 1096 9.42 -19.74 5.95
N PHE A 1097 10.00 -19.23 6.98
CA PHE A 1097 11.19 -18.46 7.07
C PHE A 1097 12.12 -18.90 8.16
N ILE A 1098 13.40 -18.77 8.03
CA ILE A 1098 14.44 -19.03 8.94
C ILE A 1098 15.48 -17.94 8.98
N ASP A 1099 16.25 -17.84 9.99
CA ASP A 1099 17.27 -16.88 10.21
C ASP A 1099 18.41 -17.07 9.24
N PRO A 1100 19.09 -16.02 8.79
CA PRO A 1100 20.30 -16.15 7.99
C PRO A 1100 21.55 -16.47 8.78
N ALA A 1101 21.78 -17.68 9.17
CA ALA A 1101 22.84 -18.17 9.96
C ALA A 1101 24.17 -18.25 9.26
N GLY A 1102 24.28 -17.89 8.03
CA GLY A 1102 25.43 -17.98 7.29
C GLY A 1102 26.06 -19.31 7.13
N THR A 1103 25.32 -20.30 6.77
CA THR A 1103 25.65 -21.66 6.58
C THR A 1103 26.24 -22.00 5.24
N SER A 1104 26.33 -21.09 4.33
CA SER A 1104 26.79 -21.25 3.01
C SER A 1104 28.16 -21.89 2.99
N GLN A 1105 28.50 -22.63 1.99
CA GLN A 1105 29.76 -23.24 1.81
C GLN A 1105 30.05 -24.28 2.87
N GLU A 1106 29.09 -24.73 3.60
CA GLU A 1106 29.12 -25.76 4.56
C GLU A 1106 28.88 -27.11 3.92
N CYS A 1107 29.68 -28.09 4.11
CA CYS A 1107 29.59 -29.37 3.52
C CYS A 1107 28.25 -30.00 3.80
N PRO A 1108 27.50 -30.48 2.81
CA PRO A 1108 26.25 -31.16 3.09
C PRO A 1108 26.36 -32.46 3.80
N VAL A 1109 27.48 -33.08 3.83
CA VAL A 1109 27.78 -34.37 4.33
C VAL A 1109 28.43 -34.35 5.69
N CYS A 1110 29.68 -33.86 5.71
CA CYS A 1110 30.46 -33.89 6.94
C CYS A 1110 30.30 -32.63 7.77
N ILE A 1111 29.68 -31.59 7.23
CA ILE A 1111 29.41 -30.35 7.98
C ILE A 1111 30.70 -29.59 8.26
N GLU A 1112 31.72 -30.30 8.75
CA GLU A 1112 32.96 -29.64 9.12
C GLU A 1112 33.65 -29.00 7.92
N GLY A 1113 33.65 -29.69 6.77
CA GLY A 1113 34.45 -29.25 5.66
C GLY A 1113 33.94 -27.97 5.03
N ARG A 1114 34.73 -27.32 4.25
CA ARG A 1114 34.53 -26.17 3.46
C ARG A 1114 34.75 -26.45 2.00
N LEU A 1115 33.86 -26.12 1.12
CA LEU A 1115 33.88 -26.23 -0.29
C LEU A 1115 34.13 -24.88 -0.94
N GLU A 1116 35.23 -24.64 -1.57
CA GLU A 1116 35.66 -23.45 -2.18
C GLU A 1116 35.79 -23.50 -3.67
N HIS A 1117 36.62 -24.36 -4.18
CA HIS A 1117 37.09 -24.48 -5.51
C HIS A 1117 37.10 -25.84 -6.14
N THR A 1118 36.77 -26.88 -5.37
CA THR A 1118 36.82 -28.25 -5.88
C THR A 1118 35.47 -28.91 -5.65
N THR A 1119 34.98 -29.64 -6.60
CA THR A 1119 33.80 -30.40 -6.56
C THR A 1119 33.82 -31.43 -5.47
N THR A 1120 35.02 -31.85 -5.08
CA THR A 1120 35.18 -32.86 -4.03
C THR A 1120 35.47 -32.19 -2.69
N CYS A 1121 34.80 -32.67 -1.65
CA CYS A 1121 34.99 -32.09 -0.33
C CYS A 1121 36.43 -32.32 0.15
N PRO A 1122 37.10 -31.27 0.64
CA PRO A 1122 38.47 -31.48 1.14
C PRO A 1122 38.54 -32.33 2.38
N ASN A 1123 37.43 -32.53 3.08
CA ASN A 1123 37.43 -33.26 4.34
C ASN A 1123 37.45 -34.77 4.16
N LYS A 1124 37.55 -35.26 2.92
CA LYS A 1124 37.63 -36.68 2.62
C LYS A 1124 36.38 -37.44 3.04
N CYS A 1125 35.23 -36.78 2.99
CA CYS A 1125 33.96 -37.42 3.32
C CYS A 1125 33.35 -38.14 2.12
N GLY A 1126 34.00 -38.10 0.96
CA GLY A 1126 33.52 -38.79 -0.22
C GLY A 1126 32.50 -38.03 -1.03
N PHE A 1127 32.06 -36.88 -0.67
CA PHE A 1127 31.14 -36.05 -1.32
C PHE A 1127 31.71 -35.45 -2.59
N ASN A 1128 30.93 -35.42 -3.66
CA ASN A 1128 31.34 -34.76 -4.89
C ASN A 1128 30.14 -34.04 -5.49
N SER A 1129 30.28 -32.83 -5.91
CA SER A 1129 29.30 -31.97 -6.45
C SER A 1129 29.13 -32.02 -7.94
N GLU A 1130 30.03 -32.61 -8.66
CA GLU A 1130 30.11 -32.64 -10.07
C GLU A 1130 28.84 -33.18 -10.70
N ARG A 1131 28.44 -34.35 -10.32
CA ARG A 1131 27.41 -35.14 -10.85
C ARG A 1131 26.02 -34.74 -10.42
N ILE A 1132 25.85 -33.96 -9.40
CA ILE A 1132 24.68 -33.61 -8.70
C ILE A 1132 24.17 -32.22 -8.96
N MET A 1133 24.95 -31.23 -8.71
CA MET A 1133 24.69 -29.85 -8.72
C MET A 1133 25.31 -29.14 -9.89
N HIS A 1134 24.63 -28.12 -10.43
CA HIS A 1134 25.13 -27.36 -11.59
C HIS A 1134 26.43 -26.64 -11.28
N SER A 1135 26.59 -26.12 -10.07
CA SER A 1135 27.69 -25.42 -9.54
C SER A 1135 27.76 -25.45 -8.04
N ASN A 1136 28.89 -25.25 -7.45
CA ASN A 1136 29.11 -25.18 -6.06
C ASN A 1136 28.22 -24.17 -5.41
N ASP A 1137 27.84 -23.10 -6.12
CA ASP A 1137 26.90 -22.06 -5.66
C ASP A 1137 25.47 -22.56 -5.45
N GLY A 1138 25.13 -23.75 -5.95
CA GLY A 1138 23.89 -24.43 -5.60
C GLY A 1138 23.85 -24.87 -4.14
N ILE A 1139 25.00 -25.05 -3.49
CA ILE A 1139 25.16 -25.63 -2.22
C ILE A 1139 24.38 -24.88 -1.17
N ALA A 1140 24.33 -23.55 -1.28
CA ALA A 1140 23.67 -22.72 -0.27
C ALA A 1140 22.18 -23.07 -0.14
N SER A 1141 21.49 -23.22 -1.27
CA SER A 1141 20.06 -23.58 -1.27
C SER A 1141 19.81 -24.91 -0.56
N PHE A 1142 20.68 -25.90 -0.77
CA PHE A 1142 20.50 -27.24 -0.23
C PHE A 1142 20.54 -27.23 1.31
N ASN A 1143 21.52 -26.54 1.91
CA ASN A 1143 21.66 -26.35 3.30
C ASN A 1143 20.47 -25.67 3.89
N ILE A 1144 19.99 -24.64 3.29
CA ILE A 1144 18.85 -23.89 3.66
C ILE A 1144 17.66 -24.79 3.78
N ALA A 1145 17.40 -25.58 2.73
CA ALA A 1145 16.28 -26.49 2.69
C ALA A 1145 16.35 -27.51 3.83
N LYS A 1146 17.51 -28.12 4.05
CA LYS A 1146 17.78 -29.07 5.06
C LYS A 1146 17.45 -28.53 6.42
N ARG A 1147 18.02 -27.42 6.77
CA ARG A 1147 17.87 -26.74 8.00
C ARG A 1147 16.44 -26.37 8.27
N GLY A 1148 15.77 -25.82 7.31
CA GLY A 1148 14.43 -25.50 7.40
C GLY A 1148 13.52 -26.62 7.69
N PHE A 1149 13.67 -27.70 7.01
CA PHE A 1149 12.98 -28.91 7.22
C PHE A 1149 13.16 -29.43 8.62
N ASN A 1150 14.36 -29.49 9.09
CA ASN A 1150 14.74 -29.91 10.38
C ASN A 1150 14.04 -29.10 11.44
N ASN A 1151 14.06 -27.82 11.34
CA ASN A 1151 13.37 -26.91 12.17
C ASN A 1151 11.89 -27.17 12.20
N PHE A 1152 11.28 -27.36 11.08
CA PHE A 1152 9.91 -27.67 10.90
C PHE A 1152 9.52 -28.87 11.72
N VAL A 1153 10.27 -29.92 11.63
CA VAL A 1153 10.10 -31.12 12.38
C VAL A 1153 10.16 -30.84 13.86
N LYS A 1154 11.17 -30.08 14.27
CA LYS A 1154 11.37 -29.79 15.67
C LYS A 1154 10.19 -29.03 16.25
N SER A 1155 9.66 -28.06 15.50
CA SER A 1155 8.60 -27.21 16.04
C SER A 1155 7.41 -28.03 16.53
N LYS A 1156 7.07 -29.10 15.83
CA LYS A 1156 5.95 -29.94 16.24
C LYS A 1156 6.32 -30.93 17.33
N THR A 1157 7.48 -30.76 17.97
CA THR A 1157 7.90 -31.71 19.00
C THR A 1157 6.89 -31.78 20.14
N ASP A 1158 6.44 -30.62 20.61
CA ASP A 1158 5.50 -30.54 21.73
C ASP A 1158 4.06 -30.31 21.26
N LYS A 1159 3.80 -30.44 19.96
CA LYS A 1159 2.45 -30.25 19.44
C LYS A 1159 1.96 -31.41 18.57
N GLN A 1160 2.83 -32.25 18.04
CA GLN A 1160 2.41 -33.43 17.30
C GLN A 1160 3.26 -34.64 17.72
#